data_2BAS
#
_entry.id   2BAS
#
_cell.length_a   46.335
_cell.length_b   125.271
_cell.length_c   167.962
_cell.angle_alpha   90.00
_cell.angle_beta   90.00
_cell.angle_gamma   90.00
#
_symmetry.space_group_name_H-M   'P 21 21 21'
#
loop_
_entity.id
_entity.type
_entity.pdbx_description
1 polymer 'YkuI protein'
2 non-polymer BETA-MERCAPTOETHANOL
3 water water
#
_entity_poly.entity_id   1
_entity_poly.type   'polypeptide(L)'
_entity_poly.pdbx_seq_one_letter_code
;(MSE)HHHHHHSSGVDLGTENLYFQSNA(MSE)LDPLDILTNIDDVLPYYQAIFSAEEQKVVGYEVLGRILADSEIQSLG
PFFLDAGIPEEYKLEVDNRIIRQALDRFLEADSDLLIF(MSE)NQDANLL(MSE)LDHGESFLELLKEYEAKGIELHRFV
LEITEHNFEGDIEQLYH(MSE)LAYYRTYGIKIAVDNIGKESSNLDRIALLSPDLLKIDLQALKVSQPSPSYEHVLYSIS
LLARKIGAALLYEDIEANFQLQYAWRNGGRYFQGYYLVSPSETFLERDVLKQRLKTEFHQFITHEKKKLETVYEHSEQFY
KRVHQAVTSLRKNNLSSDDDFIKKLAEELTDCSFRIY(MSE)CDEEGDQLTGNVFKQDGEWIYQPEYAEKNWSWRPYFLE
NI(MSE)R(MSE)RNLRKGFFSDLYSDLETGE(MSE)IRTFSYP(MSE)DDQ(MSE)YLFIDLPYSYLYEQDGLI
;
_entity_poly.pdbx_strand_id   A,B
#
loop_
_chem_comp.id
_chem_comp.type
_chem_comp.name
_chem_comp.formula
BME non-polymer BETA-MERCAPTOETHANOL 'C2 H6 O S'
#
# COMPACT_ATOMS: atom_id res chain seq x y z
N LEU A 26 25.81 22.14 24.78
CA LEU A 26 25.25 23.52 24.85
C LEU A 26 24.07 23.67 25.81
N ASP A 27 24.23 24.57 26.78
CA ASP A 27 23.17 24.93 27.71
C ASP A 27 22.12 25.71 26.91
N PRO A 28 20.82 25.51 27.23
CA PRO A 28 19.80 26.37 26.63
C PRO A 28 20.03 27.87 26.90
N LEU A 29 20.70 28.18 28.00
CA LEU A 29 21.01 29.57 28.35
C LEU A 29 22.08 30.18 27.43
N ASP A 30 23.07 29.38 27.06
CA ASP A 30 24.11 29.81 26.13
C ASP A 30 23.49 30.20 24.77
N ILE A 31 22.45 29.47 24.36
CA ILE A 31 21.73 29.78 23.13
C ILE A 31 20.86 31.04 23.27
N LEU A 32 20.08 31.13 24.35
CA LEU A 32 19.13 32.22 24.51
C LEU A 32 19.72 33.62 24.66
N THR A 33 20.81 33.75 25.41
CA THR A 33 21.43 35.06 25.55
C THR A 33 22.30 35.42 24.34
N ASN A 34 22.70 34.42 23.56
CA ASN A 34 23.42 34.67 22.31
C ASN A 34 22.51 34.52 21.08
N ILE A 35 21.24 34.86 21.26
CA ILE A 35 20.25 34.71 20.20
C ILE A 35 20.66 35.35 18.87
N ASP A 36 21.59 36.30 18.93
CA ASP A 36 22.09 36.99 17.73
C ASP A 36 23.05 36.16 16.85
N ASP A 37 23.80 35.24 17.44
CA ASP A 37 24.72 34.37 16.69
C ASP A 37 23.98 33.31 15.89
N VAL A 38 22.73 33.05 16.27
CA VAL A 38 21.86 32.08 15.63
C VAL A 38 21.68 32.39 14.15
N LEU A 39 21.68 31.35 13.32
CA LEU A 39 21.56 31.52 11.88
C LEU A 39 20.94 30.31 11.19
N PRO A 40 20.29 30.52 10.02
CA PRO A 40 19.84 29.39 9.21
C PRO A 40 20.93 28.80 8.33
N TYR A 41 20.91 27.48 8.19
CA TYR A 41 21.69 26.80 7.17
C TYR A 41 20.70 26.23 6.17
N TYR A 42 21.21 25.68 5.06
CA TYR A 42 20.35 25.15 4.00
C TYR A 42 20.89 23.84 3.39
N GLN A 43 19.96 22.98 2.99
CA GLN A 43 20.31 21.76 2.26
C GLN A 43 19.43 21.65 1.03
N ALA A 44 20.08 21.52 -0.12
CA ALA A 44 19.37 21.48 -1.40
C ALA A 44 18.57 20.21 -1.59
N ILE A 45 17.46 20.36 -2.30
CA ILE A 45 16.61 19.23 -2.64
C ILE A 45 16.55 19.15 -4.16
N PHE A 46 16.75 17.93 -4.67
CA PHE A 46 16.97 17.72 -6.10
C PHE A 46 15.81 17.14 -6.88
N SER A 47 15.64 17.68 -8.08
CA SER A 47 14.60 17.29 -9.04
C SER A 47 14.98 15.98 -9.71
N ALA A 48 13.98 15.18 -10.08
CA ALA A 48 14.24 13.95 -10.81
C ALA A 48 14.18 14.17 -12.32
N GLU A 49 13.25 15.03 -12.77
CA GLU A 49 13.03 15.29 -14.20
C GLU A 49 14.23 16.00 -14.81
N GLU A 50 14.49 17.22 -14.37
CA GLU A 50 15.77 17.89 -14.58
C GLU A 50 16.57 17.34 -13.42
N GLN A 51 17.89 17.47 -13.42
CA GLN A 51 18.61 17.01 -12.24
C GLN A 51 19.09 18.25 -11.49
N LYS A 52 18.13 19.07 -11.05
CA LYS A 52 18.45 20.37 -10.44
C LYS A 52 17.79 20.66 -9.10
N VAL A 53 18.27 21.73 -8.44
CA VAL A 53 17.76 22.12 -7.14
C VAL A 53 16.37 22.77 -7.31
N VAL A 54 15.40 22.29 -6.54
CA VAL A 54 14.02 22.79 -6.61
C VAL A 54 13.68 23.60 -5.36
N GLY A 55 14.51 23.46 -4.33
CA GLY A 55 14.36 24.18 -3.08
C GLY A 55 15.43 23.83 -2.07
N TYR A 56 15.26 24.30 -0.85
CA TYR A 56 16.20 24.04 0.23
C TYR A 56 15.44 23.85 1.53
N GLU A 57 15.79 22.83 2.30
CA GLU A 57 15.24 22.71 3.64
C GLU A 57 15.97 23.76 4.47
N VAL A 58 15.22 24.43 5.35
CA VAL A 58 15.78 25.46 6.22
C VAL A 58 16.19 24.81 7.55
N LEU A 59 17.48 24.87 7.86
CA LEU A 59 18.04 24.21 9.05
C LEU A 59 18.53 25.20 10.11
N GLY A 60 18.36 24.87 11.39
CA GLY A 60 18.75 25.77 12.49
C GLY A 60 20.16 25.57 13.01
N ARG A 61 20.93 26.66 13.12
CA ARG A 61 22.31 26.57 13.61
C ARG A 61 22.67 27.71 14.55
N ILE A 62 23.77 27.51 15.28
CA ILE A 62 24.33 28.55 16.14
C ILE A 62 25.88 28.54 16.07
N LEU A 63 26.45 29.73 15.91
CA LEU A 63 27.89 29.93 15.99
C LEU A 63 28.28 30.15 17.46
N ALA A 64 28.91 29.13 18.03
CA ALA A 64 29.31 29.16 19.43
C ALA A 64 30.74 28.70 19.54
N ASP A 65 31.54 29.49 20.25
CA ASP A 65 32.97 29.26 20.44
C ASP A 65 33.67 28.94 19.12
N SER A 66 33.38 29.77 18.11
CA SER A 66 33.95 29.68 16.75
C SER A 66 33.66 28.38 15.99
N GLU A 67 32.48 27.81 16.20
CA GLU A 67 32.08 26.59 15.49
C GLU A 67 30.55 26.50 15.30
N ILE A 68 30.13 26.09 14.10
CA ILE A 68 28.71 25.91 13.76
C ILE A 68 28.17 24.64 14.42
N GLN A 69 27.07 24.78 15.17
CA GLN A 69 26.48 23.65 15.89
C GLN A 69 24.95 23.55 15.68
N SER A 70 24.44 22.33 15.72
CA SER A 70 23.01 22.07 15.56
C SER A 70 22.18 22.61 16.71
N LEU A 71 20.99 23.10 16.37
CA LEU A 71 20.00 23.52 17.35
C LEU A 71 18.98 22.40 17.63
N GLY A 72 19.17 21.25 16.97
CA GLY A 72 18.31 20.07 17.14
C GLY A 72 18.21 19.60 18.60
N PRO A 73 19.36 19.35 19.24
CA PRO A 73 19.39 18.97 20.66
C PRO A 73 18.74 20.02 21.59
N PHE A 74 18.22 21.09 21.01
CA PHE A 74 17.59 22.19 21.76
C PHE A 74 16.06 22.19 21.54
N PHE A 75 15.65 22.04 20.28
CA PHE A 75 14.23 21.96 19.93
C PHE A 75 13.60 20.66 20.41
N LEU A 76 14.42 19.67 20.74
CA LEU A 76 13.96 18.39 21.27
C LEU A 76 13.78 18.41 22.77
N ASP A 77 14.60 19.21 23.46
CA ASP A 77 14.61 19.26 24.92
C ASP A 77 13.21 19.54 25.50
N ALA A 78 12.84 18.76 26.52
CA ALA A 78 11.49 18.79 27.06
C ALA A 78 11.27 19.83 28.15
N GLY A 79 12.36 20.20 28.84
CA GLY A 79 12.29 21.16 29.94
C GLY A 79 12.36 22.63 29.56
N ILE A 80 12.52 22.90 28.27
CA ILE A 80 12.57 24.27 27.74
C ILE A 80 11.16 24.68 27.30
N PRO A 81 10.56 25.68 27.99
CA PRO A 81 9.21 26.15 27.67
C PRO A 81 9.13 26.64 26.23
N GLU A 82 7.92 26.58 25.67
CA GLU A 82 7.70 26.89 24.25
C GLU A 82 8.01 28.33 23.92
N GLU A 83 7.72 29.24 24.85
CA GLU A 83 8.07 30.66 24.71
C GLU A 83 9.42 30.77 24.03
N TYR A 84 10.39 30.06 24.59
CA TYR A 84 11.79 30.14 24.21
C TYR A 84 12.15 29.42 22.93
N LYS A 85 11.47 28.30 22.66
CA LYS A 85 11.70 27.57 21.42
C LYS A 85 11.20 28.41 20.24
N LEU A 86 10.02 29.02 20.42
CA LEU A 86 9.43 29.88 19.40
C LEU A 86 10.27 31.14 19.15
N GLU A 87 10.85 31.71 20.20
CA GLU A 87 11.75 32.86 20.05
C GLU A 87 12.95 32.57 19.13
N VAL A 88 13.55 31.40 19.30
CA VAL A 88 14.67 31.00 18.49
C VAL A 88 14.18 30.66 17.07
N ASP A 89 13.14 29.86 16.98
CA ASP A 89 12.56 29.45 15.69
C ASP A 89 12.24 30.64 14.81
N ASN A 90 11.57 31.64 15.37
CA ASN A 90 11.25 32.88 14.67
C ASN A 90 12.47 33.62 14.11
N ARG A 91 13.54 33.68 14.87
CA ARG A 91 14.76 34.32 14.40
C ARG A 91 15.29 33.60 13.16
N ILE A 92 15.44 32.29 13.25
CA ILE A 92 15.93 31.49 12.13
C ILE A 92 15.08 31.68 10.86
N ILE A 93 13.77 31.47 10.97
CA ILE A 93 12.84 31.57 9.83
C ILE A 93 12.94 32.91 9.10
N ARG A 94 12.88 33.99 9.86
CA ARG A 94 12.95 35.34 9.30
C ARG A 94 14.25 35.62 8.55
N GLN A 95 15.38 35.20 9.10
CA GLN A 95 16.65 35.34 8.40
C GLN A 95 16.62 34.59 7.09
N ALA A 96 16.04 33.39 7.12
CA ALA A 96 16.00 32.53 5.96
C ALA A 96 15.11 33.09 4.86
N LEU A 97 13.91 33.53 5.22
CA LEU A 97 13.00 34.09 4.22
C LEU A 97 13.59 35.39 3.66
N ASP A 98 14.40 36.07 4.45
CA ASP A 98 15.16 37.22 3.96
C ASP A 98 16.15 36.78 2.87
N ARG A 99 16.88 35.70 3.12
CA ARG A 99 17.83 35.17 2.14
C ARG A 99 17.12 34.75 0.85
N PHE A 100 15.98 34.06 0.98
CA PHE A 100 15.16 33.66 -0.17
C PHE A 100 14.69 34.85 -1.02
N LEU A 101 14.33 35.96 -0.38
CA LEU A 101 13.89 37.18 -1.08
C LEU A 101 14.93 37.69 -2.09
N GLU A 102 16.16 37.20 -1.99
CA GLU A 102 17.25 37.58 -2.89
C GLU A 102 17.46 36.57 -4.02
N ALA A 103 17.19 35.30 -3.73
CA ALA A 103 17.40 34.23 -4.72
C ALA A 103 16.27 34.08 -5.73
N ASP A 104 16.31 32.98 -6.47
CA ASP A 104 15.34 32.68 -7.54
C ASP A 104 13.91 32.58 -7.01
N SER A 105 12.98 33.18 -7.75
CA SER A 105 11.56 33.29 -7.37
C SER A 105 10.74 31.99 -7.42
N ASP A 106 11.37 30.87 -7.75
CA ASP A 106 10.65 29.60 -7.93
C ASP A 106 11.13 28.49 -7.01
N LEU A 107 12.12 28.79 -6.18
CA LEU A 107 12.68 27.86 -5.22
C LEU A 107 11.64 27.48 -4.16
N LEU A 108 11.58 26.20 -3.84
CA LEU A 108 10.67 25.74 -2.81
C LEU A 108 11.32 26.00 -1.46
N ILE A 109 10.51 26.30 -0.45
CA ILE A 109 11.00 26.53 0.91
C ILE A 109 10.47 25.45 1.86
N PHE A 110 11.34 24.49 2.21
CA PHE A 110 10.98 23.41 3.13
C PHE A 110 11.30 23.78 4.59
N MSE A 111 10.25 23.90 5.40
CA MSE A 111 10.38 24.22 6.81
C MSE A 111 9.74 23.15 7.67
O MSE A 111 8.53 22.93 7.61
CB MSE A 111 9.71 25.56 7.11
CG MSE A 111 10.31 26.77 6.44
SE MSE A 111 9.08 28.29 6.54
CE MSE A 111 7.46 27.45 5.69
N ASN A 112 10.56 22.50 8.49
CA ASN A 112 10.11 21.43 9.40
C ASN A 112 9.60 22.04 10.70
N GLN A 113 8.29 22.01 10.88
CA GLN A 113 7.66 22.68 12.01
C GLN A 113 7.02 21.70 12.95
N ASP A 114 7.31 21.89 14.24
CA ASP A 114 6.77 21.07 15.33
C ASP A 114 5.26 21.30 15.44
N ALA A 115 4.49 20.22 15.28
CA ALA A 115 3.04 20.28 15.32
C ALA A 115 2.49 20.82 16.65
N ASN A 116 3.12 20.42 17.76
CA ASN A 116 2.69 20.88 19.09
C ASN A 116 2.91 22.40 19.25
N LEU A 117 4.09 22.89 18.84
CA LEU A 117 4.37 24.33 18.90
C LEU A 117 3.41 25.10 18.02
N LEU A 118 3.13 24.53 16.85
CA LEU A 118 2.27 25.12 15.86
C LEU A 118 0.83 25.24 16.37
N MSE A 119 0.37 24.18 17.04
CA MSE A 119 -1.02 24.09 17.46
C MSE A 119 -1.35 24.85 18.75
O MSE A 119 -2.51 24.85 19.18
CB MSE A 119 -1.42 22.62 17.58
CG MSE A 119 -2.90 22.36 17.34
SE MSE A 119 -3.45 22.78 15.50
CE MSE A 119 -5.33 22.95 15.78
N LEU A 120 -0.35 25.48 19.36
CA LEU A 120 -0.58 26.30 20.57
C LEU A 120 -1.52 27.50 20.36
N ASP A 121 -1.64 27.95 19.10
CA ASP A 121 -2.52 29.06 18.72
C ASP A 121 -3.23 28.78 17.40
N HIS A 122 -3.37 27.49 17.07
CA HIS A 122 -4.05 27.02 15.85
C HIS A 122 -3.39 27.54 14.58
N GLY A 123 -2.05 27.64 14.60
CA GLY A 123 -1.28 28.12 13.46
C GLY A 123 -1.40 29.60 13.12
N GLU A 124 -2.25 30.31 13.84
CA GLU A 124 -2.50 31.73 13.57
C GLU A 124 -1.22 32.57 13.39
N SER A 125 -0.41 32.71 14.44
CA SER A 125 0.81 33.52 14.37
C SER A 125 1.79 33.11 13.25
N PHE A 126 2.00 31.81 13.04
CA PHE A 126 2.92 31.34 11.98
C PHE A 126 2.41 31.68 10.59
N LEU A 127 1.11 31.53 10.36
CA LEU A 127 0.51 31.93 9.10
C LEU A 127 0.65 33.45 8.96
N GLU A 128 0.48 34.17 10.07
CA GLU A 128 0.69 35.62 10.13
C GLU A 128 2.13 35.94 9.68
N LEU A 129 3.10 35.17 10.18
CA LEU A 129 4.49 35.31 9.76
C LEU A 129 4.64 35.05 8.27
N LEU A 130 3.91 34.06 7.76
CA LEU A 130 3.97 33.73 6.34
C LEU A 130 3.39 34.84 5.47
N LYS A 131 2.28 35.42 5.90
CA LYS A 131 1.59 36.49 5.17
C LYS A 131 2.42 37.77 5.04
N GLU A 132 3.30 38.01 5.99
CA GLU A 132 4.18 39.19 5.98
C GLU A 132 5.18 39.10 4.82
N TYR A 133 5.67 37.89 4.57
CA TYR A 133 6.60 37.66 3.48
C TYR A 133 5.89 37.47 2.15
N GLU A 134 4.58 37.22 2.24
CA GLU A 134 3.70 37.23 1.07
C GLU A 134 3.62 38.68 0.62
N ALA A 135 3.55 39.60 1.59
CA ALA A 135 3.53 41.03 1.35
C ALA A 135 4.85 41.56 0.79
N LYS A 136 5.94 40.85 1.07
CA LYS A 136 7.27 41.26 0.58
C LYS A 136 7.60 40.61 -0.77
N GLY A 137 6.71 39.74 -1.26
CA GLY A 137 6.85 39.16 -2.58
C GLY A 137 7.14 37.67 -2.70
N ILE A 138 6.86 36.89 -1.65
CA ILE A 138 7.02 35.43 -1.72
C ILE A 138 5.64 34.76 -1.79
N GLU A 139 5.34 34.19 -2.95
CA GLU A 139 4.07 33.52 -3.18
C GLU A 139 3.91 32.34 -2.20
N LEU A 140 2.77 32.28 -1.53
CA LEU A 140 2.49 31.25 -0.52
C LEU A 140 2.64 29.81 -1.01
N HIS A 141 2.47 29.61 -2.32
CA HIS A 141 2.55 28.27 -2.91
C HIS A 141 3.99 27.74 -2.92
N ARG A 142 4.94 28.56 -2.51
CA ARG A 142 6.35 28.15 -2.48
C ARG A 142 6.75 27.51 -1.16
N PHE A 143 5.85 27.56 -0.17
CA PHE A 143 6.14 27.04 1.16
C PHE A 143 5.76 25.58 1.30
N VAL A 144 6.70 24.78 1.79
CA VAL A 144 6.40 23.39 2.13
C VAL A 144 6.52 23.20 3.64
N LEU A 145 5.37 23.07 4.29
CA LEU A 145 5.28 22.84 5.71
C LEU A 145 5.39 21.35 6.02
N GLU A 146 6.52 20.94 6.58
CA GLU A 146 6.73 19.57 7.00
C GLU A 146 6.19 19.35 8.40
N ILE A 147 5.32 18.36 8.55
CA ILE A 147 4.72 18.03 9.83
C ILE A 147 5.12 16.61 10.26
N THR A 148 5.33 16.44 11.57
CA THR A 148 5.63 15.14 12.15
C THR A 148 4.50 14.80 13.12
N GLU A 149 3.64 13.87 12.72
CA GLU A 149 2.48 13.51 13.54
C GLU A 149 2.82 12.44 14.57
N HIS A 150 4.04 11.91 14.48
CA HIS A 150 4.53 10.96 15.46
C HIS A 150 4.49 11.58 16.87
N ASN A 151 4.91 12.84 16.94
CA ASN A 151 5.04 13.53 18.22
C ASN A 151 3.75 14.11 18.83
N PHE A 152 2.64 14.03 18.11
CA PHE A 152 1.45 14.82 18.44
C PHE A 152 0.63 14.34 19.64
N GLU A 153 0.56 15.20 20.67
CA GLU A 153 -0.22 14.91 21.87
C GLU A 153 -1.67 15.36 21.75
N GLY A 154 -1.89 16.36 20.89
CA GLY A 154 -3.22 16.95 20.73
C GLY A 154 -4.25 16.10 20.02
N ASP A 155 -5.40 16.71 19.75
CA ASP A 155 -6.50 16.08 19.02
C ASP A 155 -6.08 16.01 17.56
N ILE A 156 -6.04 14.80 17.01
CA ILE A 156 -5.49 14.59 15.67
C ILE A 156 -6.29 15.23 14.51
N GLU A 157 -7.61 15.22 14.61
CA GLU A 157 -8.45 15.83 13.56
C GLU A 157 -8.48 17.36 13.71
N GLN A 158 -8.02 17.85 14.85
CA GLN A 158 -7.87 19.28 15.08
C GLN A 158 -6.68 19.81 14.27
N LEU A 159 -5.59 19.04 14.22
CA LEU A 159 -4.42 19.39 13.44
C LEU A 159 -4.74 19.41 11.96
N TYR A 160 -5.48 18.39 11.51
CA TYR A 160 -5.85 18.23 10.10
C TYR A 160 -6.79 19.34 9.67
N HIS A 161 -7.53 19.87 10.65
CA HIS A 161 -8.41 21.00 10.46
C HIS A 161 -7.61 22.24 10.05
N MSE A 162 -6.63 22.64 10.87
CA MSE A 162 -5.80 23.80 10.53
C MSE A 162 -4.88 23.55 9.35
O MSE A 162 -4.48 24.50 8.66
CB MSE A 162 -5.00 24.34 11.71
CG MSE A 162 -3.88 23.45 12.20
SE MSE A 162 -2.23 24.44 12.58
CE MSE A 162 -1.49 24.41 10.77
N LEU A 163 -4.57 22.29 9.09
CA LEU A 163 -3.75 21.94 7.93
C LEU A 163 -4.57 22.09 6.65
N ALA A 164 -5.85 21.72 6.71
CA ALA A 164 -6.73 21.91 5.57
C ALA A 164 -6.90 23.40 5.29
N TYR A 165 -6.94 24.19 6.36
CA TYR A 165 -7.10 25.65 6.26
C TYR A 165 -5.87 26.29 5.62
N TYR A 166 -4.70 25.89 6.08
CA TYR A 166 -3.44 26.35 5.51
C TYR A 166 -3.39 26.10 4.01
N ARG A 167 -3.97 24.99 3.58
CA ARG A 167 -4.00 24.60 2.17
C ARG A 167 -4.80 25.60 1.31
N THR A 168 -5.84 26.22 1.89
CA THR A 168 -6.67 27.17 1.15
C THR A 168 -5.91 28.42 0.67
N TYR A 169 -4.70 28.62 1.20
CA TYR A 169 -3.81 29.68 0.78
C TYR A 169 -2.77 29.22 -0.25
N GLY A 170 -2.85 27.95 -0.64
CA GLY A 170 -1.90 27.38 -1.61
C GLY A 170 -0.65 26.75 -1.01
N ILE A 171 -0.49 26.86 0.31
CA ILE A 171 0.66 26.26 1.01
C ILE A 171 0.74 24.74 0.79
N LYS A 172 1.94 24.24 0.55
CA LYS A 172 2.15 22.80 0.33
C LYS A 172 2.45 22.09 1.65
N ILE A 173 1.95 20.86 1.77
CA ILE A 173 2.09 20.11 3.01
C ILE A 173 2.80 18.78 2.82
N ALA A 174 3.90 18.63 3.56
CA ALA A 174 4.70 17.43 3.53
C ALA A 174 4.51 16.71 4.86
N VAL A 175 4.29 15.40 4.80
CA VAL A 175 4.25 14.57 6.00
C VAL A 175 5.62 13.88 6.13
N ASP A 176 6.07 13.71 7.33
CA ASP A 176 7.43 13.28 7.69
C ASP A 176 7.39 11.85 8.27
N ASN A 177 8.57 11.24 8.28
CA ASN A 177 8.82 9.87 8.80
C ASN A 177 7.82 8.82 8.29
N ILE A 178 7.63 8.77 7.00
CA ILE A 178 6.69 7.81 6.41
C ILE A 178 7.41 6.47 6.16
N GLY A 179 6.66 5.41 6.41
CA GLY A 179 7.13 4.03 6.24
C GLY A 179 7.53 3.41 7.59
N LYS A 180 8.14 4.22 8.41
CA LYS A 180 8.65 3.78 9.71
C LYS A 180 7.70 4.10 10.89
N GLU A 181 7.91 5.22 11.50
CA GLU A 181 7.15 5.59 12.70
C GLU A 181 5.76 6.13 12.36
N SER A 182 5.66 6.77 11.26
CA SER A 182 4.40 7.29 10.82
C SER A 182 4.03 6.54 9.55
N SER A 183 3.47 5.36 9.77
CA SER A 183 3.06 4.49 8.65
C SER A 183 1.61 4.03 8.82
N ASN A 184 0.71 4.94 8.52
CA ASN A 184 -0.74 4.71 8.59
C ASN A 184 -1.43 5.22 7.32
N LEU A 185 -1.92 4.27 6.52
CA LEU A 185 -2.64 4.52 5.27
C LEU A 185 -3.90 5.37 5.46
N ASP A 186 -4.75 4.96 6.40
CA ASP A 186 -5.99 5.68 6.71
C ASP A 186 -5.74 7.17 6.86
N ARG A 187 -4.57 7.51 7.38
CA ARG A 187 -4.26 8.89 7.77
C ARG A 187 -3.67 9.75 6.67
N ILE A 188 -2.82 9.14 5.91
CA ILE A 188 -2.25 9.76 4.71
C ILE A 188 -3.37 10.18 3.74
N ALA A 189 -4.25 9.24 3.48
CA ALA A 189 -5.39 9.44 2.55
C ALA A 189 -6.34 10.55 3.03
N LEU A 190 -6.61 10.56 4.31
CA LEU A 190 -7.54 11.56 4.93
C LEU A 190 -6.97 12.99 4.74
N LEU A 191 -5.67 13.14 4.95
CA LEU A 191 -4.97 14.45 4.82
C LEU A 191 -4.71 14.74 3.34
N SER A 192 -4.27 13.72 2.65
CA SER A 192 -3.98 13.82 1.22
C SER A 192 -2.92 14.90 0.99
N PRO A 193 -1.74 14.69 1.60
CA PRO A 193 -0.74 15.75 1.55
C PRO A 193 -0.08 15.82 0.18
N ASP A 194 0.55 16.95 -0.11
CA ASP A 194 1.24 17.18 -1.37
C ASP A 194 2.56 16.42 -1.45
N LEU A 195 3.13 16.06 -0.30
CA LEU A 195 4.42 15.40 -0.24
C LEU A 195 4.55 14.40 0.91
N LEU A 196 5.22 13.29 0.62
CA LEU A 196 5.56 12.30 1.64
C LEU A 196 7.06 12.25 1.73
N LYS A 197 7.62 12.48 2.92
CA LYS A 197 9.07 12.38 3.10
C LYS A 197 9.43 11.02 3.70
N ILE A 198 10.26 10.29 2.96
CA ILE A 198 10.70 8.96 3.35
C ILE A 198 12.19 8.99 3.71
N ASP A 199 12.49 8.55 4.92
CA ASP A 199 13.86 8.45 5.44
C ASP A 199 14.43 7.09 5.02
N LEU A 200 15.70 7.06 4.65
CA LEU A 200 16.30 5.80 4.17
C LEU A 200 17.43 5.28 5.05
N GLN A 201 17.56 5.82 6.27
CA GLN A 201 18.52 5.31 7.23
C GLN A 201 18.16 3.89 7.59
N ALA A 202 16.86 3.65 7.76
CA ALA A 202 16.31 2.36 8.13
C ALA A 202 16.70 1.22 7.18
N LEU A 203 16.85 1.54 5.90
CA LEU A 203 17.21 0.58 4.86
C LEU A 203 18.57 -0.09 5.15
N LYS A 204 19.48 0.67 5.76
CA LYS A 204 20.79 0.17 6.17
C LYS A 204 20.71 -0.83 7.33
N SER A 209 12.65 -9.08 -0.63
CA SER A 209 12.41 -7.90 0.21
C SER A 209 12.08 -8.27 1.64
N PRO A 210 12.63 -7.52 2.62
CA PRO A 210 12.14 -7.61 3.98
C PRO A 210 10.82 -6.81 4.12
N SER A 211 10.16 -6.96 5.27
CA SER A 211 8.91 -6.25 5.56
C SER A 211 8.94 -4.77 5.14
N TYR A 212 10.03 -4.07 5.48
CA TYR A 212 10.14 -2.63 5.24
C TYR A 212 9.95 -2.20 3.79
N GLU A 213 10.51 -2.97 2.86
CA GLU A 213 10.36 -2.69 1.44
C GLU A 213 8.92 -2.95 0.94
N HIS A 214 8.23 -3.89 1.55
CA HIS A 214 6.85 -4.10 1.18
C HIS A 214 5.95 -2.95 1.67
N VAL A 215 6.17 -2.49 2.90
CA VAL A 215 5.44 -1.36 3.44
C VAL A 215 5.61 -0.11 2.56
N LEU A 216 6.84 0.17 2.15
CA LEU A 216 7.10 1.32 1.28
C LEU A 216 6.40 1.18 -0.06
N TYR A 217 6.39 -0.03 -0.58
CA TYR A 217 5.73 -0.34 -1.84
C TYR A 217 4.22 -0.03 -1.82
N SER A 218 3.52 -0.41 -0.75
CA SER A 218 2.09 -0.10 -0.65
C SER A 218 1.84 1.40 -0.45
N ILE A 219 2.75 2.06 0.27
CA ILE A 219 2.66 3.50 0.45
C ILE A 219 2.87 4.22 -0.89
N SER A 220 3.84 3.73 -1.65
CA SER A 220 4.18 4.27 -2.97
C SER A 220 2.94 4.27 -3.89
N LEU A 221 2.20 3.15 -3.89
CA LEU A 221 0.98 3.00 -4.70
C LEU A 221 -0.10 3.99 -4.32
N LEU A 222 -0.44 4.01 -3.03
CA LEU A 222 -1.44 4.93 -2.50
C LEU A 222 -1.09 6.35 -2.90
N ALA A 223 0.21 6.67 -2.89
CA ALA A 223 0.68 8.02 -3.21
C ALA A 223 0.45 8.35 -4.68
N ARG A 224 0.61 7.36 -5.55
CA ARG A 224 0.41 7.61 -6.96
C ARG A 224 -1.07 7.90 -7.19
N LYS A 225 -1.92 7.14 -6.49
CA LYS A 225 -3.38 7.30 -6.60
C LYS A 225 -3.90 8.65 -6.09
N ILE A 226 -3.34 9.17 -5.01
CA ILE A 226 -3.86 10.39 -4.37
C ILE A 226 -3.09 11.67 -4.71
N GLY A 227 -1.94 11.52 -5.35
CA GLY A 227 -1.18 12.67 -5.85
C GLY A 227 -0.18 13.25 -4.88
N ALA A 228 0.43 12.42 -4.05
CA ALA A 228 1.49 12.88 -3.17
C ALA A 228 2.80 12.46 -3.82
N ALA A 229 3.70 13.42 -4.01
CA ALA A 229 5.03 13.12 -4.52
C ALA A 229 5.88 12.57 -3.37
N LEU A 230 6.83 11.70 -3.70
CA LEU A 230 7.71 11.12 -2.71
C LEU A 230 9.03 11.86 -2.68
N LEU A 231 9.42 12.27 -1.48
CA LEU A 231 10.73 12.85 -1.23
C LEU A 231 11.57 11.90 -0.37
N TYR A 232 12.62 11.35 -0.95
CA TYR A 232 13.52 10.48 -0.19
C TYR A 232 14.62 11.33 0.39
N GLU A 233 14.69 11.35 1.72
CA GLU A 233 15.73 12.08 2.44
C GLU A 233 16.73 11.13 3.12
N ASP A 234 17.76 11.69 3.73
CA ASP A 234 18.87 10.95 4.34
C ASP A 234 19.56 9.97 3.39
N ILE A 235 19.72 10.40 2.13
CA ILE A 235 20.47 9.64 1.14
C ILE A 235 21.96 9.91 1.37
N GLU A 236 22.68 8.89 1.78
CA GLU A 236 24.09 9.03 2.12
C GLU A 236 24.98 7.92 1.56
N ALA A 237 24.50 7.23 0.53
CA ALA A 237 25.25 6.18 -0.17
C ALA A 237 24.70 6.00 -1.58
N ASN A 238 25.24 5.05 -2.32
CA ASN A 238 24.80 4.84 -3.68
C ASN A 238 23.50 4.03 -3.78
N PHE A 239 23.44 2.92 -3.04
CA PHE A 239 22.27 2.04 -3.06
C PHE A 239 20.98 2.72 -2.59
N GLN A 240 21.12 3.80 -1.81
CA GLN A 240 19.97 4.56 -1.31
C GLN A 240 19.38 5.47 -2.39
N LEU A 241 20.26 6.09 -3.19
CA LEU A 241 19.84 6.89 -4.33
C LEU A 241 19.22 5.98 -5.37
N GLN A 242 19.90 4.87 -5.64
CA GLN A 242 19.38 3.78 -6.48
C GLN A 242 17.97 3.43 -6.03
N TYR A 243 17.81 3.14 -4.74
CA TYR A 243 16.52 2.72 -4.23
C TYR A 243 15.42 3.76 -4.48
N ALA A 244 15.71 5.02 -4.15
CA ALA A 244 14.73 6.11 -4.29
C ALA A 244 14.25 6.22 -5.73
N TRP A 245 15.22 6.21 -6.65
CA TRP A 245 14.92 6.35 -8.05
C TRP A 245 14.06 5.22 -8.60
N ARG A 246 14.33 3.98 -8.19
CA ARG A 246 13.55 2.84 -8.72
C ARG A 246 12.18 2.75 -8.05
N ASN A 247 12.02 3.46 -6.94
CA ASN A 247 10.79 3.43 -6.16
C ASN A 247 9.95 4.71 -6.18
N GLY A 248 9.80 5.30 -7.37
CA GLY A 248 8.94 6.47 -7.54
C GLY A 248 9.40 7.79 -6.94
N GLY A 249 10.65 7.86 -6.49
CA GLY A 249 11.19 9.09 -5.91
C GLY A 249 11.21 10.27 -6.85
N ARG A 250 10.50 11.35 -6.50
CA ARG A 250 10.49 12.54 -7.34
C ARG A 250 11.52 13.59 -6.91
N TYR A 251 11.83 13.63 -5.61
CA TYR A 251 12.82 14.56 -5.07
C TYR A 251 13.77 13.81 -4.16
N PHE A 252 15.01 14.31 -4.04
CA PHE A 252 16.06 13.63 -3.29
C PHE A 252 16.89 14.60 -2.43
N GLN A 253 17.31 14.12 -1.27
CA GLN A 253 18.07 14.94 -0.32
C GLN A 253 19.00 14.07 0.54
N GLY A 254 20.22 14.55 0.77
CA GLY A 254 21.18 13.88 1.65
C GLY A 254 22.66 14.23 1.45
N TYR A 255 23.49 13.74 2.38
CA TYR A 255 24.95 13.91 2.30
C TYR A 255 25.50 13.46 0.95
N TYR A 256 25.01 12.33 0.44
CA TYR A 256 25.48 11.78 -0.82
C TYR A 256 25.34 12.79 -1.96
N LEU A 257 24.24 13.53 -1.96
CA LEU A 257 24.01 14.55 -2.97
C LEU A 257 24.76 15.84 -2.63
N VAL A 258 24.34 16.53 -1.58
CA VAL A 258 24.97 17.78 -1.13
C VAL A 258 24.73 18.00 0.37
N SER A 259 25.81 18.15 1.12
CA SER A 259 25.76 18.45 2.55
C SER A 259 25.14 19.85 2.84
N PRO A 260 24.70 20.11 4.09
CA PRO A 260 24.17 21.44 4.37
C PRO A 260 25.23 22.54 4.40
N SER A 261 24.94 23.67 3.76
CA SER A 261 25.80 24.85 3.83
C SER A 261 24.99 26.11 4.09
N GLU A 262 25.69 27.21 4.30
CA GLU A 262 25.09 28.49 4.61
C GLU A 262 24.72 29.29 3.37
N THR A 263 25.08 28.78 2.19
CA THR A 263 24.87 29.52 0.94
C THR A 263 24.17 28.69 -0.13
N PHE A 264 23.31 29.35 -0.90
CA PHE A 264 22.66 28.73 -2.03
C PHE A 264 23.69 28.35 -3.10
N LEU A 265 23.41 27.26 -3.79
CA LEU A 265 24.30 26.71 -4.79
C LEU A 265 23.81 27.11 -6.16
N GLU A 266 24.63 26.85 -7.18
CA GLU A 266 24.20 26.99 -8.57
C GLU A 266 23.08 25.97 -8.77
N ARG A 267 22.03 26.37 -9.49
CA ARG A 267 20.88 25.50 -9.65
C ARG A 267 21.14 24.23 -10.45
N ASP A 268 22.20 24.25 -11.25
CA ASP A 268 22.65 23.10 -12.02
C ASP A 268 23.87 22.45 -11.37
N VAL A 269 24.11 22.76 -10.08
CA VAL A 269 25.31 22.31 -9.37
C VAL A 269 25.65 20.83 -9.58
N LEU A 270 24.62 19.99 -9.69
CA LEU A 270 24.81 18.55 -9.71
C LEU A 270 24.30 17.85 -10.96
N LYS A 271 23.77 18.61 -11.92
CA LYS A 271 23.13 18.06 -13.14
C LYS A 271 23.88 16.92 -13.83
N GLN A 272 25.19 17.09 -14.02
CA GLN A 272 25.98 16.10 -14.76
C GLN A 272 26.20 14.79 -14.02
N ARG A 273 26.55 14.88 -12.74
CA ARG A 273 26.76 13.68 -11.93
C ARG A 273 25.49 12.85 -11.87
N LEU A 274 24.35 13.50 -11.63
CA LEU A 274 23.04 12.83 -11.57
C LEU A 274 22.59 12.28 -12.94
N LYS A 275 22.74 13.08 -13.99
CA LYS A 275 22.36 12.67 -15.35
C LYS A 275 22.95 11.33 -15.76
N THR A 276 24.25 11.15 -15.51
CA THR A 276 24.92 9.89 -15.85
C THR A 276 24.62 8.80 -14.85
N GLU A 277 24.55 9.16 -13.57
CA GLU A 277 24.29 8.18 -12.52
C GLU A 277 22.91 7.53 -12.70
N PHE A 278 21.96 8.29 -13.26
CA PHE A 278 20.64 7.75 -13.56
C PHE A 278 20.66 6.80 -14.77
N HIS A 279 21.51 7.10 -15.75
CA HIS A 279 21.65 6.26 -16.94
C HIS A 279 22.12 4.85 -16.58
N GLN A 280 22.96 4.74 -15.56
CA GLN A 280 23.37 3.44 -15.06
C GLN A 280 22.14 2.72 -14.51
N PHE A 281 21.34 3.44 -13.70
CA PHE A 281 20.09 2.91 -13.14
C PHE A 281 19.11 2.43 -14.21
N ILE A 282 18.97 3.21 -15.28
CA ILE A 282 18.08 2.86 -16.39
C ILE A 282 18.53 1.57 -17.08
N THR A 283 19.80 1.53 -17.49
CA THR A 283 20.38 0.36 -18.18
C THR A 283 20.34 -0.91 -17.33
N HIS A 284 20.53 -0.76 -16.02
CA HIS A 284 20.46 -1.91 -15.10
C HIS A 284 19.02 -2.38 -14.96
N GLU A 285 18.07 -1.44 -15.02
CA GLU A 285 16.64 -1.78 -14.93
C GLU A 285 16.09 -2.37 -16.23
N LYS A 286 16.56 -1.81 -17.37
CA LYS A 286 16.19 -2.33 -18.68
C LYS A 286 16.56 -3.81 -18.71
N LYS A 287 17.82 -4.09 -18.40
CA LYS A 287 18.39 -5.44 -18.38
C LYS A 287 17.63 -6.35 -17.42
N LYS A 288 17.23 -5.79 -16.28
CA LYS A 288 16.48 -6.54 -15.27
C LYS A 288 15.07 -6.89 -15.74
N LEU A 289 14.41 -5.96 -16.44
CA LEU A 289 13.03 -6.18 -16.89
C LEU A 289 12.89 -7.22 -17.99
N GLU A 290 13.89 -7.26 -18.86
CA GLU A 290 13.87 -8.12 -20.04
C GLU A 290 14.25 -9.53 -19.68
N THR A 291 15.12 -9.69 -18.69
CA THR A 291 15.49 -11.03 -18.23
C THR A 291 14.28 -11.77 -17.65
N VAL A 292 13.46 -11.06 -16.89
CA VAL A 292 12.20 -11.64 -16.39
C VAL A 292 11.29 -11.92 -17.58
N TYR A 293 11.14 -10.94 -18.47
CA TYR A 293 10.28 -11.10 -19.65
C TYR A 293 10.71 -12.26 -20.55
N GLU A 294 12.02 -12.36 -20.77
CA GLU A 294 12.59 -13.46 -21.54
C GLU A 294 12.21 -14.80 -20.91
N HIS A 295 12.41 -14.92 -19.59
CA HIS A 295 12.13 -16.16 -18.90
C HIS A 295 10.66 -16.58 -19.01
N SER A 296 9.77 -15.60 -18.90
CA SER A 296 8.35 -15.82 -19.09
C SER A 296 8.10 -16.38 -20.49
N GLU A 297 8.76 -15.82 -21.52
CA GLU A 297 8.61 -16.32 -22.89
C GLU A 297 9.04 -17.76 -22.98
N GLN A 298 10.26 -18.07 -22.56
CA GLN A 298 10.71 -19.46 -22.60
C GLN A 298 9.84 -20.39 -21.76
N PHE A 299 9.27 -19.90 -20.67
CA PHE A 299 8.42 -20.72 -19.83
C PHE A 299 7.14 -21.06 -20.59
N TYR A 300 6.56 -20.05 -21.23
CA TYR A 300 5.33 -20.23 -22.00
C TYR A 300 5.49 -21.31 -23.06
N LYS A 301 6.65 -21.36 -23.71
CA LYS A 301 6.89 -22.34 -24.77
C LYS A 301 6.91 -23.75 -24.20
N ARG A 302 7.56 -23.90 -23.05
CA ARG A 302 7.63 -25.21 -22.38
C ARG A 302 6.24 -25.73 -22.05
N VAL A 303 5.42 -24.88 -21.44
CA VAL A 303 4.06 -25.24 -21.06
C VAL A 303 3.16 -25.51 -22.27
N HIS A 304 3.29 -24.70 -23.32
CA HIS A 304 2.51 -24.89 -24.54
C HIS A 304 2.79 -26.28 -25.18
N GLN A 305 4.06 -26.68 -25.24
CA GLN A 305 4.42 -28.02 -25.71
C GLN A 305 3.75 -29.08 -24.85
N ALA A 306 3.93 -28.98 -23.54
CA ALA A 306 3.38 -29.95 -22.59
C ALA A 306 1.86 -30.12 -22.69
N VAL A 307 1.11 -29.04 -22.54
CA VAL A 307 -0.35 -29.08 -22.70
C VAL A 307 -0.78 -29.70 -24.04
N THR A 308 -0.52 -28.99 -25.14
CA THR A 308 -0.92 -29.44 -26.48
C THR A 308 -0.50 -30.89 -26.77
N SER A 309 0.69 -31.28 -26.33
CA SER A 309 1.18 -32.65 -26.44
C SER A 309 0.36 -33.64 -25.60
N LEU A 310 0.16 -33.32 -24.32
CA LEU A 310 -0.64 -34.15 -23.42
C LEU A 310 -2.12 -34.19 -23.79
N ARG A 311 -2.65 -33.07 -24.27
CA ARG A 311 -4.06 -32.99 -24.64
C ARG A 311 -4.38 -33.54 -26.02
N LYS A 312 -3.42 -33.46 -26.93
CA LYS A 312 -3.63 -33.90 -28.30
C LYS A 312 -3.87 -35.40 -28.38
N ASN A 313 -4.95 -35.76 -29.08
CA ASN A 313 -5.36 -37.15 -29.27
C ASN A 313 -5.58 -37.94 -27.98
N ASN A 314 -5.88 -37.24 -26.89
CA ASN A 314 -6.12 -37.88 -25.59
C ASN A 314 -7.49 -37.56 -25.00
N LEU A 315 -8.22 -38.61 -24.64
CA LEU A 315 -9.62 -38.52 -24.21
C LEU A 315 -9.88 -38.49 -22.69
N SER A 316 -8.86 -38.22 -21.88
CA SER A 316 -9.02 -38.25 -20.42
C SER A 316 -9.36 -36.90 -19.76
N SER A 317 -10.10 -36.96 -18.65
CA SER A 317 -10.64 -35.78 -17.95
C SER A 317 -9.60 -34.78 -17.42
N ASP A 318 -10.10 -33.63 -16.95
CA ASP A 318 -9.28 -32.52 -16.47
C ASP A 318 -8.38 -32.88 -15.28
N ASP A 319 -8.96 -33.56 -14.29
CA ASP A 319 -8.21 -33.96 -13.08
C ASP A 319 -7.06 -34.92 -13.40
N ASP A 320 -7.29 -35.80 -14.37
CA ASP A 320 -6.25 -36.69 -14.82
C ASP A 320 -5.19 -35.95 -15.63
N PHE A 321 -5.61 -34.93 -16.38
CA PHE A 321 -4.68 -34.13 -17.18
C PHE A 321 -3.63 -33.38 -16.34
N ILE A 322 -4.05 -32.76 -15.24
CA ILE A 322 -3.12 -31.98 -14.42
C ILE A 322 -2.14 -32.86 -13.64
N LYS A 323 -2.57 -34.08 -13.31
CA LYS A 323 -1.70 -35.03 -12.62
C LYS A 323 -0.54 -35.38 -13.53
N LYS A 324 -0.86 -35.52 -14.82
CA LYS A 324 0.14 -35.82 -15.83
C LYS A 324 0.97 -34.57 -16.13
N LEU A 325 0.32 -33.41 -16.20
CA LEU A 325 1.09 -32.17 -16.39
C LEU A 325 2.11 -31.99 -15.26
N ALA A 326 1.66 -32.19 -14.02
CA ALA A 326 2.51 -32.05 -12.83
C ALA A 326 3.81 -32.81 -12.96
N GLU A 327 3.71 -34.06 -13.38
CA GLU A 327 4.87 -34.92 -13.58
C GLU A 327 5.77 -34.46 -14.71
N GLU A 328 5.17 -33.95 -15.78
CA GLU A 328 5.93 -33.39 -16.90
C GLU A 328 6.68 -32.12 -16.46
N LEU A 329 6.04 -31.31 -15.62
CA LEU A 329 6.65 -30.09 -15.11
C LEU A 329 7.18 -30.24 -13.68
N THR A 330 7.43 -31.47 -13.25
CA THR A 330 7.80 -31.75 -11.85
C THR A 330 8.90 -30.86 -11.26
N ASP A 331 9.88 -30.50 -12.09
CA ASP A 331 11.05 -29.73 -11.62
C ASP A 331 10.81 -28.23 -11.39
N CYS A 332 9.72 -27.68 -11.94
CA CYS A 332 9.46 -26.24 -11.80
C CYS A 332 8.11 -25.83 -11.22
N SER A 333 7.41 -26.75 -10.58
CA SER A 333 6.15 -26.39 -9.94
C SER A 333 5.86 -27.16 -8.65
N PHE A 334 4.89 -26.69 -7.87
CA PHE A 334 4.51 -27.41 -6.64
C PHE A 334 2.99 -27.41 -6.48
N ARG A 335 2.31 -26.63 -7.30
CA ARG A 335 0.83 -26.66 -7.33
C ARG A 335 0.32 -26.34 -8.72
N ILE A 336 -0.65 -27.14 -9.17
CA ILE A 336 -1.34 -26.93 -10.46
C ILE A 336 -2.85 -27.16 -10.31
N TYR A 337 -3.65 -26.29 -10.94
CA TYR A 337 -5.12 -26.36 -10.93
C TYR A 337 -5.71 -25.53 -12.09
N MSE A 338 -6.99 -25.75 -12.42
CA MSE A 338 -7.71 -25.05 -13.49
C MSE A 338 -8.99 -24.36 -13.03
O MSE A 338 -9.69 -24.89 -12.16
CB MSE A 338 -8.09 -26.03 -14.60
CG MSE A 338 -7.01 -26.33 -15.62
SE MSE A 338 -7.38 -27.97 -16.66
CE MSE A 338 -9.22 -27.57 -17.42
N CYS A 339 -9.31 -23.22 -13.63
CA CYS A 339 -10.53 -22.46 -13.32
C CYS A 339 -11.25 -22.00 -14.58
N ASP A 340 -12.55 -21.67 -14.46
CA ASP A 340 -13.35 -21.12 -15.58
C ASP A 340 -13.38 -19.58 -15.61
N GLU A 341 -14.11 -18.98 -16.56
CA GLU A 341 -14.10 -17.52 -16.72
C GLU A 341 -14.39 -16.74 -15.44
N GLU A 342 -15.20 -17.32 -14.55
CA GLU A 342 -15.66 -16.62 -13.36
C GLU A 342 -14.87 -16.94 -12.07
N GLY A 343 -13.79 -17.70 -12.19
CA GLY A 343 -12.96 -18.02 -11.05
C GLY A 343 -13.28 -19.33 -10.35
N ASP A 344 -14.26 -20.07 -10.86
CA ASP A 344 -14.61 -21.37 -10.30
C ASP A 344 -13.56 -22.41 -10.68
N GLN A 345 -12.99 -23.05 -9.67
CA GLN A 345 -12.00 -24.10 -9.90
C GLN A 345 -12.66 -25.34 -10.51
N LEU A 346 -12.20 -25.74 -11.69
CA LEU A 346 -12.77 -26.89 -12.43
C LEU A 346 -12.20 -28.26 -12.01
N THR A 347 -11.11 -28.23 -11.23
CA THR A 347 -10.39 -29.44 -10.82
C THR A 347 -10.04 -29.37 -9.35
N GLY A 348 -9.66 -30.50 -8.76
CA GLY A 348 -9.00 -30.46 -7.46
C GLY A 348 -7.63 -29.87 -7.69
N ASN A 349 -6.78 -29.87 -6.66
CA ASN A 349 -5.39 -29.44 -6.81
C ASN A 349 -4.50 -30.65 -6.93
N VAL A 350 -3.38 -30.50 -7.63
CA VAL A 350 -2.27 -31.43 -7.47
C VAL A 350 -1.20 -30.61 -6.78
N PHE A 351 -0.54 -31.22 -5.80
CA PHE A 351 0.32 -30.49 -4.89
C PHE A 351 1.57 -31.30 -4.61
N LYS A 352 2.72 -30.65 -4.69
CA LYS A 352 4.01 -31.32 -4.45
C LYS A 352 4.49 -31.06 -3.03
N GLN A 353 4.41 -32.10 -2.19
CA GLN A 353 4.76 -32.02 -0.80
C GLN A 353 5.90 -32.99 -0.54
N ASP A 354 7.05 -32.46 -0.16
CA ASP A 354 8.24 -33.28 0.11
C ASP A 354 8.63 -34.19 -1.08
N GLY A 355 8.61 -33.63 -2.29
CA GLY A 355 9.08 -34.34 -3.48
C GLY A 355 8.14 -35.33 -4.18
N GLU A 356 6.94 -35.50 -3.64
CA GLU A 356 5.95 -36.44 -4.19
C GLU A 356 4.62 -35.73 -4.43
N TRP A 357 4.04 -35.89 -5.62
CA TRP A 357 2.79 -35.20 -5.98
C TRP A 357 1.58 -35.83 -5.31
N ILE A 358 0.67 -34.96 -4.87
CA ILE A 358 -0.53 -35.36 -4.15
C ILE A 358 -1.76 -34.80 -4.84
N TYR A 359 -2.94 -35.38 -4.59
CA TYR A 359 -4.16 -34.92 -5.21
C TYR A 359 -5.17 -34.52 -4.16
N GLN A 360 -5.59 -33.26 -4.23
CA GLN A 360 -6.53 -32.70 -3.27
C GLN A 360 -7.87 -32.33 -3.92
N PRO A 361 -8.81 -33.29 -4.00
CA PRO A 361 -10.12 -33.09 -4.63
C PRO A 361 -10.96 -31.98 -4.00
N GLU A 362 -10.82 -31.77 -2.70
CA GLU A 362 -11.61 -30.79 -1.95
C GLU A 362 -11.55 -29.36 -2.51
N TYR A 363 -10.48 -29.04 -3.24
CA TYR A 363 -10.31 -27.72 -3.81
C TYR A 363 -11.23 -27.41 -4.97
N ALA A 364 -11.95 -28.43 -5.46
CA ALA A 364 -12.88 -28.22 -6.56
C ALA A 364 -14.10 -27.45 -6.08
N GLU A 365 -14.55 -26.50 -6.90
CA GLU A 365 -15.73 -25.68 -6.61
C GLU A 365 -15.43 -24.44 -5.75
N LYS A 366 -14.21 -24.31 -5.25
CA LYS A 366 -13.77 -23.08 -4.58
C LYS A 366 -13.70 -21.96 -5.61
N ASN A 367 -13.88 -20.72 -5.16
CA ASN A 367 -13.87 -19.56 -6.05
C ASN A 367 -12.76 -18.59 -5.75
N TRP A 368 -12.01 -18.17 -6.77
CA TRP A 368 -10.84 -17.32 -6.52
C TRP A 368 -10.95 -15.88 -6.98
N SER A 369 -12.16 -15.46 -7.33
CA SER A 369 -12.33 -14.18 -7.98
C SER A 369 -12.04 -12.96 -7.11
N TRP A 370 -11.99 -13.17 -5.79
CA TRP A 370 -11.75 -12.13 -4.81
C TRP A 370 -10.25 -11.77 -4.73
N ARG A 371 -9.38 -12.69 -5.19
CA ARG A 371 -7.93 -12.44 -5.22
C ARG A 371 -7.57 -11.26 -6.13
N PRO A 372 -6.67 -10.38 -5.66
CA PRO A 372 -6.27 -9.25 -6.50
C PRO A 372 -5.72 -9.71 -7.83
N TYR A 373 -6.13 -9.05 -8.91
CA TYR A 373 -5.64 -9.31 -10.25
C TYR A 373 -6.30 -10.50 -10.96
N PHE A 374 -7.13 -11.26 -10.26
CA PHE A 374 -7.62 -12.50 -10.84
C PHE A 374 -8.50 -12.31 -12.11
N LEU A 375 -9.50 -11.44 -12.03
CA LEU A 375 -10.39 -11.20 -13.16
C LEU A 375 -9.68 -10.36 -14.24
N GLU A 376 -8.76 -9.53 -13.80
CA GLU A 376 -7.95 -8.67 -14.64
C GLU A 376 -7.08 -9.59 -15.52
N ASN A 377 -6.46 -10.59 -14.90
CA ASN A 377 -5.63 -11.57 -15.59
C ASN A 377 -6.38 -12.37 -16.67
N ILE A 378 -7.57 -12.87 -16.31
CA ILE A 378 -8.44 -13.54 -17.26
C ILE A 378 -8.67 -12.65 -18.48
N MSE A 379 -9.14 -11.42 -18.22
CA MSE A 379 -9.23 -10.38 -19.25
C MSE A 379 -8.01 -10.31 -20.15
O MSE A 379 -8.14 -10.32 -21.37
CB MSE A 379 -9.39 -9.01 -18.61
CG MSE A 379 -10.76 -8.41 -18.72
SE MSE A 379 -11.01 -7.54 -20.44
CE MSE A 379 -9.50 -6.26 -20.35
N ARG A 380 -6.82 -10.21 -19.54
CA ARG A 380 -5.57 -10.09 -20.29
C ARG A 380 -5.28 -11.34 -21.13
N MSE A 381 -5.40 -12.52 -20.53
CA MSE A 381 -5.20 -13.77 -21.25
C MSE A 381 -6.11 -13.94 -22.46
O MSE A 381 -5.67 -14.34 -23.52
CB MSE A 381 -5.34 -14.97 -20.32
CG MSE A 381 -4.18 -15.07 -19.36
SE MSE A 381 -4.18 -16.73 -18.38
CE MSE A 381 -5.45 -16.28 -16.91
N ARG A 382 -7.39 -13.62 -22.26
CA ARG A 382 -8.44 -13.78 -23.25
C ARG A 382 -8.30 -12.81 -24.42
N ASN A 383 -7.50 -11.76 -24.24
CA ASN A 383 -7.29 -10.75 -25.27
C ASN A 383 -5.90 -10.82 -25.88
N LEU A 384 -4.92 -11.20 -25.06
CA LEU A 384 -3.54 -11.33 -25.50
C LEU A 384 -3.29 -12.73 -26.07
N ARG A 385 -4.07 -13.70 -25.59
CA ARG A 385 -3.98 -15.11 -26.01
C ARG A 385 -2.63 -15.76 -25.71
N LYS A 386 -1.96 -15.23 -24.68
CA LYS A 386 -0.68 -15.76 -24.19
C LYS A 386 -0.78 -15.94 -22.68
N GLY A 387 0.16 -16.70 -22.13
CA GLY A 387 0.27 -16.88 -20.68
C GLY A 387 1.28 -15.87 -20.13
N PHE A 388 1.55 -15.91 -18.81
CA PHE A 388 2.50 -14.98 -18.16
C PHE A 388 2.69 -15.16 -16.65
N PHE A 389 3.85 -14.70 -16.16
CA PHE A 389 4.21 -14.78 -14.75
C PHE A 389 3.54 -13.69 -13.95
N SER A 390 3.09 -14.05 -12.75
CA SER A 390 2.70 -13.03 -11.80
C SER A 390 3.99 -12.44 -11.24
N ASP A 391 3.87 -11.38 -10.44
CA ASP A 391 5.00 -10.87 -9.68
C ASP A 391 5.20 -11.72 -8.42
N LEU A 392 6.27 -11.44 -7.67
CA LEU A 392 6.58 -12.15 -6.43
C LEU A 392 5.54 -11.85 -5.37
N TYR A 393 4.92 -12.90 -4.86
CA TYR A 393 4.01 -12.77 -3.74
C TYR A 393 4.12 -13.99 -2.81
N SER A 394 3.59 -13.89 -1.61
CA SER A 394 3.76 -14.94 -0.61
C SER A 394 2.65 -16.02 -0.64
N ASP A 395 3.03 -17.28 -0.80
CA ASP A 395 2.03 -18.36 -0.84
C ASP A 395 1.40 -18.55 0.53
N LEU A 396 0.07 -18.47 0.62
CA LEU A 396 -0.62 -18.53 1.92
C LEU A 396 -0.46 -19.85 2.68
N GLU A 397 -0.36 -20.95 1.95
CA GLU A 397 -0.22 -22.26 2.58
C GLU A 397 1.22 -22.56 2.97
N THR A 398 2.14 -22.48 2.02
CA THR A 398 3.53 -22.88 2.27
C THR A 398 4.35 -21.84 3.05
N GLY A 399 4.06 -20.56 2.82
CA GLY A 399 4.74 -19.49 3.53
C GLY A 399 6.05 -19.04 2.90
N GLU A 400 6.15 -19.20 1.58
CA GLU A 400 7.35 -18.74 0.88
C GLU A 400 6.98 -17.90 -0.32
N MSE A 401 7.92 -17.07 -0.74
CA MSE A 401 7.78 -16.21 -1.89
C MSE A 401 7.76 -17.06 -3.14
O MSE A 401 8.73 -17.79 -3.42
CB MSE A 401 8.94 -15.19 -1.95
CG MSE A 401 8.98 -14.19 -0.79
SE MSE A 401 7.32 -13.13 -0.55
CE MSE A 401 7.52 -11.89 -2.06
N ILE A 402 6.67 -16.97 -3.90
CA ILE A 402 6.50 -17.71 -5.14
C ILE A 402 6.13 -16.79 -6.34
N ARG A 403 5.94 -17.41 -7.50
CA ARG A 403 5.34 -16.80 -8.67
C ARG A 403 4.38 -17.82 -9.25
N THR A 404 3.26 -17.34 -9.79
CA THR A 404 2.24 -18.17 -10.43
C THR A 404 2.30 -17.89 -11.92
N PHE A 405 2.20 -18.93 -12.74
CA PHE A 405 2.13 -18.78 -14.19
C PHE A 405 0.73 -19.13 -14.72
N SER A 406 0.11 -18.17 -15.43
CA SER A 406 -1.26 -18.28 -15.97
C SER A 406 -1.28 -18.58 -17.46
N TYR A 407 -2.00 -19.62 -17.85
CA TYR A 407 -2.03 -20.06 -19.23
C TYR A 407 -3.46 -20.22 -19.73
N PRO A 408 -3.80 -19.62 -20.90
CA PRO A 408 -5.12 -19.81 -21.48
C PRO A 408 -5.22 -21.09 -22.34
N MSE A 409 -6.23 -21.90 -22.07
CA MSE A 409 -6.48 -23.11 -22.83
C MSE A 409 -7.73 -22.93 -23.68
O MSE A 409 -8.35 -21.86 -23.68
CB MSE A 409 -6.69 -24.29 -21.90
CG MSE A 409 -5.45 -24.75 -21.17
SE MSE A 409 -5.94 -25.97 -19.73
CE MSE A 409 -6.54 -27.46 -20.85
N ASP A 410 -8.10 -23.97 -24.41
CA ASP A 410 -9.32 -23.91 -25.21
C ASP A 410 -10.56 -24.03 -24.33
N ASP A 411 -11.70 -23.58 -24.86
CA ASP A 411 -12.99 -23.60 -24.14
C ASP A 411 -12.99 -22.68 -22.92
N GLN A 412 -12.43 -21.49 -23.06
CA GLN A 412 -12.39 -20.53 -21.96
C GLN A 412 -12.07 -21.20 -20.62
N MSE A 413 -10.98 -21.96 -20.57
CA MSE A 413 -10.50 -22.57 -19.33
C MSE A 413 -9.15 -21.96 -18.99
O MSE A 413 -8.48 -21.42 -19.86
CB MSE A 413 -10.40 -24.09 -19.46
CG MSE A 413 -11.74 -24.79 -19.47
SE MSE A 413 -11.57 -26.69 -19.95
CE MSE A 413 -13.52 -27.17 -20.21
N TYR A 414 -8.75 -22.02 -17.74
CA TYR A 414 -7.51 -21.38 -17.35
C TYR A 414 -6.70 -22.27 -16.43
N LEU A 415 -5.40 -22.28 -16.69
CA LEU A 415 -4.47 -23.16 -16.02
C LEU A 415 -3.56 -22.30 -15.15
N PHE A 416 -3.33 -22.78 -13.93
CA PHE A 416 -2.48 -22.07 -13.01
C PHE A 416 -1.40 -23.00 -12.50
N ILE A 417 -0.16 -22.54 -12.61
CA ILE A 417 1.01 -23.29 -12.19
C ILE A 417 1.81 -22.43 -11.22
N ASP A 418 1.88 -22.85 -9.96
CA ASP A 418 2.64 -22.11 -8.94
C ASP A 418 4.08 -22.61 -8.94
N LEU A 419 5.04 -21.69 -8.93
CA LEU A 419 6.45 -22.10 -8.95
C LEU A 419 7.07 -21.98 -7.55
N PRO A 420 7.84 -22.99 -7.12
CA PRO A 420 8.41 -22.93 -5.78
C PRO A 420 9.56 -21.95 -5.72
N TYR A 421 9.87 -21.45 -4.53
CA TYR A 421 11.05 -20.58 -4.33
C TYR A 421 12.34 -21.29 -4.74
N SER A 422 12.40 -22.61 -4.55
CA SER A 422 13.59 -23.37 -4.89
C SER A 422 13.89 -23.36 -6.40
N TYR A 423 12.88 -23.07 -7.22
CA TYR A 423 13.08 -22.99 -8.65
C TYR A 423 13.50 -21.58 -9.06
N LEU A 424 12.76 -20.60 -8.52
CA LEU A 424 13.03 -19.19 -8.78
C LEU A 424 14.47 -18.80 -8.48
N TYR A 425 14.97 -19.20 -7.31
CA TYR A 425 16.28 -18.72 -6.90
C TYR A 425 17.41 -19.29 -7.76
N GLU A 426 17.20 -20.43 -8.40
CA GLU A 426 18.24 -20.97 -9.28
C GLU A 426 18.12 -20.55 -10.73
N GLN A 427 17.21 -19.62 -10.99
CA GLN A 427 17.08 -18.96 -12.26
C GLN A 427 17.72 -17.60 -12.13
N ASP A 428 18.24 -17.06 -13.22
CA ASP A 428 18.77 -15.70 -13.18
C ASP A 428 17.64 -14.66 -13.14
N GLY A 429 17.64 -13.87 -12.08
CA GLY A 429 16.81 -12.68 -11.97
C GLY A 429 15.32 -12.80 -11.73
N LEU A 430 14.87 -13.89 -11.12
CA LEU A 430 13.41 -14.03 -10.84
C LEU A 430 13.07 -13.72 -9.39
N ILE A 431 14.03 -13.19 -8.65
CA ILE A 431 13.76 -12.62 -7.34
C ILE A 431 14.13 -11.14 -7.42
N ALA B 24 -27.57 2.80 35.50
CA ALA B 24 -28.27 2.43 34.24
C ALA B 24 -27.67 1.19 33.58
N MSE B 25 -26.38 1.24 33.25
CA MSE B 25 -25.69 0.12 32.60
C MSE B 25 -24.89 -0.70 33.61
O MSE B 25 -24.91 -0.41 34.82
CB MSE B 25 -24.80 0.63 31.46
CG MSE B 25 -24.65 -0.36 30.32
SE MSE B 25 -23.19 0.03 29.09
CE MSE B 25 -23.38 -1.52 27.82
N LEU B 26 -24.17 -1.72 33.13
CA LEU B 26 -23.43 -2.65 33.99
C LEU B 26 -22.25 -2.07 34.79
N ASP B 27 -22.20 -2.47 36.06
CA ASP B 27 -21.14 -2.12 36.98
C ASP B 27 -20.19 -3.31 37.13
N PRO B 28 -18.87 -3.04 37.26
CA PRO B 28 -17.88 -4.04 37.59
C PRO B 28 -18.38 -5.04 38.63
N LEU B 29 -18.96 -4.54 39.71
CA LEU B 29 -19.45 -5.38 40.79
C LEU B 29 -20.62 -6.28 40.40
N ASP B 30 -21.44 -5.84 39.45
CA ASP B 30 -22.53 -6.69 38.93
C ASP B 30 -22.00 -7.96 38.28
N ILE B 31 -20.85 -7.83 37.61
CA ILE B 31 -20.24 -8.96 36.93
C ILE B 31 -19.46 -9.87 37.88
N LEU B 32 -18.60 -9.28 38.71
CA LEU B 32 -17.74 -10.05 39.63
C LEU B 32 -18.51 -10.77 40.73
N THR B 33 -19.74 -10.33 40.96
CA THR B 33 -20.64 -10.96 41.93
C THR B 33 -21.38 -12.14 41.29
N ASN B 34 -21.70 -12.00 40.00
CA ASN B 34 -22.47 -12.99 39.27
C ASN B 34 -21.63 -13.67 38.18
N ILE B 35 -20.50 -14.23 38.61
CA ILE B 35 -19.54 -14.85 37.72
C ILE B 35 -20.06 -16.16 37.11
N ASP B 36 -21.08 -16.75 37.72
CA ASP B 36 -21.66 -18.00 37.23
C ASP B 36 -22.61 -17.78 36.07
N ASP B 37 -23.10 -16.54 35.92
CA ASP B 37 -24.08 -16.18 34.87
C ASP B 37 -23.42 -15.86 33.53
N VAL B 38 -22.09 -15.76 33.57
CA VAL B 38 -21.26 -15.40 32.43
C VAL B 38 -21.18 -16.55 31.39
N LEU B 39 -21.36 -16.20 30.11
CA LEU B 39 -21.33 -17.17 29.02
C LEU B 39 -20.70 -16.58 27.74
N PRO B 40 -20.20 -17.45 26.85
CA PRO B 40 -19.71 -16.87 25.61
C PRO B 40 -20.80 -16.79 24.53
N TYR B 41 -20.65 -15.82 23.62
CA TYR B 41 -21.46 -15.80 22.40
C TYR B 41 -20.55 -16.10 21.22
N TYR B 42 -21.15 -16.37 20.06
CA TYR B 42 -20.37 -16.69 18.87
C TYR B 42 -20.90 -15.98 17.64
N GLN B 43 -19.97 -15.46 16.83
CA GLN B 43 -20.33 -14.86 15.55
C GLN B 43 -19.58 -15.52 14.40
N ALA B 44 -20.36 -16.01 13.44
CA ALA B 44 -19.85 -16.75 12.30
C ALA B 44 -19.05 -15.89 11.34
N ILE B 45 -17.90 -16.42 10.95
CA ILE B 45 -17.05 -15.84 9.91
C ILE B 45 -17.22 -16.68 8.62
N PHE B 46 -17.43 -16.02 7.50
CA PHE B 46 -17.71 -16.69 6.23
C PHE B 46 -16.60 -16.48 5.23
N SER B 47 -16.42 -17.44 4.33
CA SER B 47 -15.32 -17.35 3.35
C SER B 47 -15.80 -16.90 1.97
N ALA B 48 -14.90 -16.32 1.20
CA ALA B 48 -15.23 -15.98 -0.18
C ALA B 48 -15.18 -17.27 -1.02
N GLU B 49 -14.19 -18.12 -0.72
CA GLU B 49 -13.93 -19.38 -1.42
C GLU B 49 -15.14 -20.30 -1.57
N GLU B 50 -15.76 -20.60 -0.45
CA GLU B 50 -16.84 -21.57 -0.42
C GLU B 50 -18.14 -20.98 0.13
N GLN B 51 -18.12 -19.68 0.40
CA GLN B 51 -19.21 -18.97 1.03
C GLN B 51 -19.84 -19.77 2.19
N LYS B 52 -18.97 -20.28 3.06
CA LYS B 52 -19.41 -21.06 4.20
C LYS B 52 -18.80 -20.60 5.52
N VAL B 53 -19.40 -21.05 6.61
CA VAL B 53 -18.91 -20.79 7.95
C VAL B 53 -17.51 -21.38 8.09
N VAL B 54 -16.51 -20.53 8.27
CA VAL B 54 -15.13 -21.00 8.37
C VAL B 54 -14.66 -21.12 9.84
N GLY B 55 -15.32 -20.36 10.71
CA GLY B 55 -15.02 -20.32 12.15
C GLY B 55 -15.96 -19.38 12.89
N TYR B 56 -15.62 -19.07 14.15
CA TYR B 56 -16.45 -18.19 14.98
C TYR B 56 -15.60 -17.28 15.84
N GLU B 57 -16.10 -16.07 16.11
CA GLU B 57 -15.43 -15.23 17.10
C GLU B 57 -16.13 -15.50 18.43
N VAL B 58 -15.35 -15.67 19.49
CA VAL B 58 -15.88 -15.89 20.82
C VAL B 58 -16.03 -14.53 21.49
N LEU B 59 -17.23 -14.24 21.95
CA LEU B 59 -17.51 -12.93 22.53
C LEU B 59 -18.04 -13.08 23.95
N GLY B 60 -17.55 -12.23 24.85
CA GLY B 60 -17.99 -12.21 26.25
C GLY B 60 -19.41 -11.68 26.41
N ARG B 61 -20.23 -12.43 27.15
CA ARG B 61 -21.62 -12.08 27.47
C ARG B 61 -21.96 -12.37 28.94
N ILE B 62 -23.06 -11.77 29.43
CA ILE B 62 -23.59 -12.06 30.77
C ILE B 62 -25.11 -11.92 30.80
N LEU B 63 -25.75 -12.93 31.39
CA LEU B 63 -27.20 -12.91 31.63
C LEU B 63 -27.45 -12.20 32.96
N ALA B 64 -27.95 -10.97 32.87
CA ALA B 64 -28.26 -10.19 34.06
C ALA B 64 -29.67 -9.64 33.95
N ASP B 65 -30.43 -9.80 35.04
CA ASP B 65 -31.83 -9.36 35.09
C ASP B 65 -32.58 -9.77 33.83
N SER B 66 -32.58 -11.08 33.59
CA SER B 66 -33.29 -11.71 32.46
C SER B 66 -32.89 -11.13 31.10
N GLU B 67 -31.69 -10.57 31.03
CA GLU B 67 -31.18 -9.97 29.81
C GLU B 67 -29.72 -10.32 29.56
N ILE B 68 -29.44 -10.79 28.36
CA ILE B 68 -28.09 -11.08 27.93
C ILE B 68 -27.48 -9.78 27.42
N GLN B 69 -26.43 -9.32 28.12
CA GLN B 69 -25.78 -8.05 27.79
C GLN B 69 -24.26 -8.22 27.60
N SER B 70 -23.61 -7.20 27.04
CA SER B 70 -22.20 -7.28 26.65
C SER B 70 -21.15 -6.96 27.72
N LEU B 71 -20.14 -7.82 27.79
CA LEU B 71 -19.00 -7.61 28.66
C LEU B 71 -17.91 -6.80 27.95
N GLY B 72 -18.25 -6.29 26.76
CA GLY B 72 -17.35 -5.47 25.95
C GLY B 72 -16.64 -4.36 26.72
N PRO B 73 -17.40 -3.42 27.30
CA PRO B 73 -16.81 -2.31 28.07
C PRO B 73 -16.02 -2.79 29.29
N PHE B 74 -16.53 -3.82 29.97
CA PHE B 74 -15.87 -4.37 31.16
C PHE B 74 -14.41 -4.73 30.87
N PHE B 75 -14.17 -5.38 29.74
CA PHE B 75 -12.82 -5.77 29.33
C PHE B 75 -12.04 -4.58 28.78
N LEU B 76 -12.74 -3.51 28.42
CA LEU B 76 -12.09 -2.33 27.88
C LEU B 76 -12.06 -1.19 28.90
N ASP B 77 -12.24 -1.54 30.18
CA ASP B 77 -12.22 -0.55 31.26
C ASP B 77 -10.93 -0.63 32.05
N ALA B 78 -10.27 0.51 32.23
CA ALA B 78 -8.98 0.58 32.92
C ALA B 78 -9.10 0.71 34.45
N GLY B 79 -10.32 0.94 34.93
CA GLY B 79 -10.55 1.06 36.37
C GLY B 79 -10.57 -0.30 37.06
N ILE B 80 -10.80 -1.35 36.28
CA ILE B 80 -10.92 -2.72 36.79
C ILE B 80 -9.56 -3.36 36.98
N PRO B 81 -9.27 -3.82 38.22
CA PRO B 81 -8.08 -4.62 38.54
C PRO B 81 -7.96 -5.84 37.62
N GLU B 82 -6.76 -6.02 37.06
CA GLU B 82 -6.47 -7.03 36.04
C GLU B 82 -6.67 -8.50 36.44
N GLU B 83 -6.47 -8.82 37.72
CA GLU B 83 -6.61 -10.19 38.20
C GLU B 83 -8.06 -10.68 38.04
N TYR B 84 -9.01 -9.76 38.24
CA TYR B 84 -10.42 -10.08 38.13
C TYR B 84 -10.85 -10.25 36.67
N LYS B 85 -10.14 -9.57 35.76
CA LYS B 85 -10.39 -9.72 34.34
C LYS B 85 -10.05 -11.14 33.88
N LEU B 86 -8.84 -11.61 34.22
CA LEU B 86 -8.40 -12.96 33.86
C LEU B 86 -9.36 -14.05 34.31
N GLU B 87 -9.86 -13.92 35.54
CA GLU B 87 -10.82 -14.88 36.08
C GLU B 87 -12.12 -14.91 35.28
N VAL B 88 -12.52 -13.77 34.73
CA VAL B 88 -13.71 -13.70 33.91
C VAL B 88 -13.45 -14.31 32.51
N ASP B 89 -12.37 -13.88 31.88
CA ASP B 89 -11.98 -14.34 30.56
C ASP B 89 -11.74 -15.84 30.59
N ASN B 90 -11.13 -16.32 31.67
CA ASN B 90 -10.85 -17.74 31.85
C ASN B 90 -12.10 -18.59 31.73
N ARG B 91 -13.16 -18.18 32.43
CA ARG B 91 -14.45 -18.88 32.38
C ARG B 91 -15.10 -18.90 31.00
N ILE B 92 -15.06 -17.77 30.31
CA ILE B 92 -15.64 -17.67 28.97
C ILE B 92 -14.90 -18.58 27.99
N ILE B 93 -13.57 -18.57 28.05
CA ILE B 93 -12.77 -19.35 27.13
C ILE B 93 -13.01 -20.85 27.37
N ARG B 94 -12.98 -21.27 28.63
CA ARG B 94 -13.17 -22.68 28.96
C ARG B 94 -14.52 -23.21 28.45
N GLN B 95 -15.54 -22.35 28.47
CA GLN B 95 -16.85 -22.71 27.98
C GLN B 95 -16.83 -22.81 26.46
N ALA B 96 -16.32 -21.76 25.82
CA ALA B 96 -16.16 -21.74 24.38
C ALA B 96 -15.50 -23.03 23.89
N LEU B 97 -14.30 -23.29 24.40
CA LEU B 97 -13.53 -24.44 23.92
C LEU B 97 -14.22 -25.78 24.20
N ASP B 98 -15.04 -25.83 25.26
CA ASP B 98 -15.88 -26.99 25.54
C ASP B 98 -16.91 -27.18 24.42
N ARG B 99 -17.46 -26.07 23.92
CA ARG B 99 -18.43 -26.13 22.83
C ARG B 99 -17.75 -26.65 21.56
N PHE B 100 -16.56 -26.14 21.28
CA PHE B 100 -15.77 -26.58 20.12
C PHE B 100 -15.43 -28.07 20.13
N LEU B 101 -15.15 -28.63 21.32
CA LEU B 101 -14.80 -30.05 21.41
C LEU B 101 -15.86 -30.98 20.82
N GLU B 102 -17.11 -30.59 20.95
CA GLU B 102 -18.24 -31.38 20.48
C GLU B 102 -18.84 -30.77 19.24
N ALA B 103 -17.98 -30.26 18.35
CA ALA B 103 -18.38 -29.68 17.07
C ALA B 103 -17.38 -30.04 15.96
N ASP B 104 -17.60 -29.46 14.76
CA ASP B 104 -16.76 -29.73 13.59
C ASP B 104 -15.29 -29.34 13.77
N SER B 105 -14.45 -30.37 13.78
CA SER B 105 -13.02 -30.28 14.09
C SER B 105 -12.12 -29.46 13.16
N ASP B 106 -12.67 -28.77 12.15
CA ASP B 106 -11.81 -27.92 11.29
C ASP B 106 -12.13 -26.44 11.43
N LEU B 107 -13.10 -26.13 12.29
CA LEU B 107 -13.49 -24.76 12.57
C LEU B 107 -12.34 -23.94 13.16
N LEU B 108 -12.17 -22.72 12.67
CA LEU B 108 -11.24 -21.78 13.26
C LEU B 108 -11.85 -21.13 14.51
N ILE B 109 -11.02 -20.86 15.51
CA ILE B 109 -11.45 -20.27 16.77
C ILE B 109 -10.84 -18.87 16.93
N PHE B 110 -11.64 -17.83 16.76
CA PHE B 110 -11.16 -16.46 16.85
C PHE B 110 -11.34 -15.92 18.26
N MSE B 111 -10.23 -15.56 18.89
CA MSE B 111 -10.24 -15.10 20.28
C MSE B 111 -9.47 -13.81 20.43
O MSE B 111 -8.35 -13.68 19.94
CB MSE B 111 -9.59 -16.14 21.18
CG MSE B 111 -10.24 -17.51 21.20
SE MSE B 111 -9.25 -18.70 22.39
CE MSE B 111 -7.69 -19.06 21.26
N ASN B 112 -10.06 -12.85 21.13
CA ASN B 112 -9.34 -11.64 21.48
C ASN B 112 -8.49 -11.88 22.72
N GLN B 113 -7.26 -11.41 22.67
CA GLN B 113 -6.39 -11.42 23.83
C GLN B 113 -5.63 -10.11 23.93
N ASP B 114 -5.57 -9.58 25.15
CA ASP B 114 -4.79 -8.37 25.40
C ASP B 114 -3.33 -8.77 25.55
N ALA B 115 -2.48 -8.26 24.66
CA ALA B 115 -1.05 -8.57 24.67
C ALA B 115 -0.34 -8.00 25.90
N ASN B 116 -0.86 -6.90 26.43
CA ASN B 116 -0.34 -6.33 27.67
C ASN B 116 -0.63 -7.25 28.85
N LEU B 117 -1.82 -7.84 28.84
CA LEU B 117 -2.25 -8.76 29.89
C LEU B 117 -1.57 -10.12 29.71
N LEU B 118 -1.43 -10.53 28.46
CA LEU B 118 -0.84 -11.82 28.08
C LEU B 118 0.65 -11.90 28.45
N MSE B 119 1.32 -10.75 28.47
CA MSE B 119 2.76 -10.69 28.72
C MSE B 119 3.14 -10.89 30.19
O MSE B 119 4.28 -11.24 30.48
CB MSE B 119 3.36 -9.38 28.20
CG MSE B 119 4.75 -9.54 27.58
SE MSE B 119 4.69 -10.34 25.78
CE MSE B 119 6.60 -10.70 25.56
N LEU B 120 2.18 -10.70 31.09
CA LEU B 120 2.44 -10.84 32.53
C LEU B 120 3.19 -12.12 32.92
N ASP B 121 3.15 -13.13 32.06
CA ASP B 121 3.84 -14.39 32.29
C ASP B 121 4.45 -14.93 30.99
N HIS B 122 4.71 -14.03 30.04
CA HIS B 122 5.19 -14.38 28.70
C HIS B 122 4.23 -15.28 27.91
N GLY B 123 2.94 -15.25 28.30
CA GLY B 123 1.88 -16.02 27.65
C GLY B 123 1.89 -17.51 27.94
N GLU B 124 2.65 -17.92 28.96
CA GLU B 124 2.79 -19.34 29.33
C GLU B 124 1.49 -20.00 29.73
N SER B 125 0.83 -19.45 30.75
CA SER B 125 -0.44 -20.00 31.24
C SER B 125 -1.48 -20.08 30.12
N PHE B 126 -1.47 -19.09 29.23
CA PHE B 126 -2.39 -19.11 28.10
C PHE B 126 -2.01 -20.22 27.11
N LEU B 127 -0.72 -20.33 26.81
CA LEU B 127 -0.25 -21.40 25.94
C LEU B 127 -0.56 -22.76 26.55
N GLU B 128 -0.40 -22.87 27.86
CA GLU B 128 -0.72 -24.09 28.60
C GLU B 128 -2.19 -24.45 28.44
N LEU B 129 -3.06 -23.45 28.55
CA LEU B 129 -4.48 -23.64 28.39
C LEU B 129 -4.77 -24.17 27.00
N LEU B 130 -4.16 -23.55 26.00
CA LEU B 130 -4.28 -23.99 24.61
C LEU B 130 -3.70 -25.40 24.44
N LYS B 131 -2.51 -25.63 25.03
CA LYS B 131 -1.85 -26.94 25.01
C LYS B 131 -2.72 -28.00 25.65
N GLU B 132 -3.47 -27.60 26.68
CA GLU B 132 -4.43 -28.46 27.35
C GLU B 132 -5.54 -28.90 26.40
N TYR B 133 -5.99 -28.00 25.53
CA TYR B 133 -7.07 -28.35 24.59
C TYR B 133 -6.62 -29.17 23.39
N GLU B 134 -5.34 -29.05 23.03
CA GLU B 134 -4.75 -29.89 21.99
C GLU B 134 -4.84 -31.36 22.41
N ALA B 135 -4.50 -31.63 23.67
CA ALA B 135 -4.54 -32.97 24.22
C ALA B 135 -5.98 -33.45 24.31
N LYS B 136 -6.90 -32.51 24.47
CA LYS B 136 -8.34 -32.83 24.54
C LYS B 136 -9.01 -33.03 23.18
N GLY B 137 -8.44 -32.44 22.12
CA GLY B 137 -8.95 -32.68 20.76
C GLY B 137 -8.95 -31.52 19.77
N ILE B 138 -8.30 -30.41 20.12
CA ILE B 138 -8.28 -29.24 19.26
C ILE B 138 -6.86 -28.95 18.79
N GLU B 139 -6.62 -29.10 17.49
CA GLU B 139 -5.32 -28.79 16.90
C GLU B 139 -5.04 -27.30 17.09
N LEU B 140 -3.81 -26.97 17.45
CA LEU B 140 -3.45 -25.60 17.79
C LEU B 140 -3.55 -24.62 16.62
N HIS B 141 -3.35 -25.13 15.40
CA HIS B 141 -3.42 -24.28 14.22
C HIS B 141 -4.80 -23.70 13.95
N ARG B 142 -5.80 -24.21 14.67
CA ARG B 142 -7.18 -23.69 14.58
C ARG B 142 -7.36 -22.38 15.35
N PHE B 143 -6.44 -22.09 16.27
CA PHE B 143 -6.56 -20.88 17.09
C PHE B 143 -6.06 -19.66 16.34
N VAL B 144 -6.92 -18.67 16.22
CA VAL B 144 -6.57 -17.38 15.65
C VAL B 144 -6.62 -16.42 16.81
N LEU B 145 -5.45 -15.89 17.18
CA LEU B 145 -5.31 -15.00 18.32
C LEU B 145 -5.32 -13.56 17.83
N GLU B 146 -6.36 -12.83 18.21
CA GLU B 146 -6.55 -11.47 17.73
C GLU B 146 -5.91 -10.51 18.69
N ILE B 147 -5.16 -9.56 18.14
CA ILE B 147 -4.36 -8.69 18.95
C ILE B 147 -4.25 -7.32 18.29
N THR B 148 -4.01 -6.29 19.10
CA THR B 148 -3.87 -4.92 18.59
C THR B 148 -2.45 -4.45 18.90
N GLU B 149 -1.58 -4.36 17.87
CA GLU B 149 -0.17 -3.97 18.08
C GLU B 149 0.01 -2.58 18.66
N HIS B 150 -0.96 -1.69 18.44
CA HIS B 150 -0.83 -0.32 18.92
C HIS B 150 -1.24 -0.12 20.37
N ASN B 151 -1.77 -1.18 20.99
CA ASN B 151 -2.09 -1.17 22.43
C ASN B 151 -0.96 -1.75 23.30
N PHE B 152 -0.01 -2.41 22.64
CA PHE B 152 1.14 -3.05 23.28
C PHE B 152 2.25 -2.06 23.66
N GLU B 153 2.57 -1.98 24.95
CA GLU B 153 3.75 -1.22 25.38
C GLU B 153 4.88 -2.18 25.77
N GLY B 154 6.10 -1.82 25.40
CA GLY B 154 7.23 -2.74 25.51
C GLY B 154 7.70 -3.12 24.11
N ASP B 155 8.82 -3.83 24.04
CA ASP B 155 9.50 -4.09 22.77
C ASP B 155 8.76 -5.03 21.81
N ILE B 156 8.66 -4.58 20.56
CA ILE B 156 8.16 -5.38 19.45
C ILE B 156 8.91 -6.70 19.32
N GLU B 157 10.24 -6.64 19.45
CA GLU B 157 11.09 -7.83 19.36
C GLU B 157 10.77 -8.87 20.42
N GLN B 158 10.43 -8.41 21.62
CA GLN B 158 10.07 -9.32 22.71
C GLN B 158 8.71 -9.99 22.44
N LEU B 159 7.76 -9.20 21.94
CA LEU B 159 6.45 -9.72 21.56
C LEU B 159 6.55 -10.66 20.37
N TYR B 160 7.28 -10.23 19.34
CA TYR B 160 7.47 -11.02 18.11
C TYR B 160 7.96 -12.45 18.39
N HIS B 161 8.99 -12.60 19.24
CA HIS B 161 9.53 -13.92 19.56
C HIS B 161 8.51 -14.81 20.27
N MSE B 162 7.67 -14.20 21.11
CA MSE B 162 6.62 -14.93 21.79
C MSE B 162 5.65 -15.49 20.74
O MSE B 162 5.41 -16.69 20.68
CB MSE B 162 5.87 -14.04 22.77
CG MSE B 162 5.01 -14.80 23.76
SE MSE B 162 3.31 -13.93 24.22
CE MSE B 162 2.24 -14.43 22.65
N LEU B 163 5.13 -14.60 19.91
CA LEU B 163 4.19 -14.98 18.84
C LEU B 163 4.84 -15.91 17.83
N ALA B 164 6.16 -15.77 17.63
CA ALA B 164 6.94 -16.64 16.74
C ALA B 164 7.13 -18.02 17.35
N TYR B 165 7.15 -18.06 18.68
CA TYR B 165 7.18 -19.32 19.40
C TYR B 165 5.79 -19.94 19.30
N TYR B 166 4.78 -19.10 19.49
CA TYR B 166 3.38 -19.48 19.31
C TYR B 166 3.18 -20.11 17.93
N ARG B 167 3.73 -19.46 16.91
CA ARG B 167 3.64 -19.89 15.52
C ARG B 167 4.24 -21.27 15.20
N THR B 168 5.21 -21.71 16.00
CA THR B 168 5.85 -23.02 15.77
C THR B 168 4.87 -24.18 16.04
N TYR B 169 3.78 -23.87 16.73
CA TYR B 169 2.72 -24.84 17.02
C TYR B 169 1.57 -24.69 16.02
N GLY B 170 1.66 -23.68 15.16
CA GLY B 170 0.67 -23.43 14.14
C GLY B 170 -0.42 -22.45 14.57
N ILE B 171 -0.30 -21.93 15.80
CA ILE B 171 -1.22 -20.91 16.30
C ILE B 171 -1.16 -19.72 15.36
N LYS B 172 -2.33 -19.26 14.90
CA LYS B 172 -2.36 -18.11 14.01
C LYS B 172 -2.51 -16.80 14.76
N ILE B 173 -1.87 -15.77 14.21
CA ILE B 173 -1.91 -14.42 14.77
C ILE B 173 -2.67 -13.47 13.84
N ALA B 174 -3.78 -12.95 14.32
CA ALA B 174 -4.53 -11.89 13.62
C ALA B 174 -4.18 -10.54 14.23
N VAL B 175 -4.06 -9.52 13.39
CA VAL B 175 -3.89 -8.16 13.89
C VAL B 175 -5.18 -7.36 13.63
N ASP B 176 -5.74 -6.76 14.67
CA ASP B 176 -7.02 -6.02 14.68
C ASP B 176 -6.81 -4.51 14.50
N ASN B 177 -7.95 -3.86 14.39
CA ASN B 177 -8.11 -2.39 14.29
C ASN B 177 -6.98 -1.68 13.49
N ILE B 178 -6.70 -2.19 12.31
CA ILE B 178 -5.67 -1.62 11.40
C ILE B 178 -6.01 -0.16 11.07
N GLY B 179 -5.01 0.68 11.26
CA GLY B 179 -5.08 2.14 11.00
C GLY B 179 -6.23 2.83 11.76
N LYS B 180 -6.15 2.80 13.09
CA LYS B 180 -7.19 3.43 13.90
C LYS B 180 -6.60 4.49 14.86
N GLU B 181 -5.67 4.13 15.76
CA GLU B 181 -5.14 5.18 16.65
C GLU B 181 -3.60 5.34 16.51
N SER B 182 -2.81 4.41 17.02
CA SER B 182 -1.32 4.49 16.91
C SER B 182 -0.82 3.40 15.94
N SER B 183 -1.78 2.87 15.19
CA SER B 183 -1.53 1.79 14.21
C SER B 183 -0.29 2.13 13.37
N ASN B 184 0.61 1.15 13.33
CA ASN B 184 1.90 1.28 12.62
C ASN B 184 2.17 0.06 11.70
N LEU B 185 2.08 0.33 10.40
CA LEU B 185 2.27 -0.69 9.33
C LEU B 185 3.62 -1.42 9.44
N ASP B 186 4.64 -0.70 9.87
CA ASP B 186 5.98 -1.29 9.98
C ASP B 186 6.01 -2.34 11.09
N ARG B 187 5.48 -2.02 12.29
CA ARG B 187 5.42 -2.99 13.40
C ARG B 187 4.50 -4.17 13.06
N ILE B 188 3.45 -3.91 12.26
CA ILE B 188 2.54 -4.94 11.78
C ILE B 188 3.26 -5.91 10.84
N ALA B 189 3.89 -5.37 9.79
CA ALA B 189 4.63 -6.18 8.85
C ALA B 189 5.64 -7.10 9.57
N LEU B 190 6.38 -6.55 10.54
CA LEU B 190 7.36 -7.32 11.30
C LEU B 190 6.73 -8.50 12.07
N LEU B 191 5.59 -8.27 12.74
CA LEU B 191 4.90 -9.35 13.46
C LEU B 191 4.51 -10.48 12.52
N SER B 192 4.64 -10.23 11.21
CA SER B 192 4.28 -11.18 10.13
C SER B 192 2.94 -11.91 10.34
N PRO B 193 1.83 -11.15 10.56
CA PRO B 193 0.57 -11.77 10.94
C PRO B 193 -0.02 -12.70 9.89
N ASP B 194 -0.86 -13.63 10.34
CA ASP B 194 -1.51 -14.55 9.42
C ASP B 194 -2.74 -13.86 8.86
N LEU B 195 -3.21 -12.85 9.59
CA LEU B 195 -4.48 -12.25 9.27
C LEU B 195 -4.56 -10.79 9.67
N LEU B 196 -5.11 -9.97 8.79
CA LEU B 196 -5.36 -8.56 9.07
C LEU B 196 -6.87 -8.36 9.15
N LYS B 197 -7.36 -7.74 10.23
CA LYS B 197 -8.78 -7.44 10.42
C LYS B 197 -9.13 -5.98 10.10
N ILE B 198 -10.02 -5.78 9.12
CA ILE B 198 -10.37 -4.44 8.66
C ILE B 198 -11.85 -4.12 8.89
N ASP B 199 -12.12 -3.00 9.57
CA ASP B 199 -13.47 -2.49 9.70
C ASP B 199 -13.67 -1.37 8.69
N LEU B 200 -14.90 -1.18 8.24
CA LEU B 200 -15.15 -0.20 7.19
C LEU B 200 -15.90 1.02 7.71
N GLN B 201 -15.64 1.34 8.98
CA GLN B 201 -16.31 2.43 9.69
C GLN B 201 -16.00 3.81 9.14
N ALA B 202 -14.81 3.97 8.56
CA ALA B 202 -14.40 5.21 7.88
C ALA B 202 -14.89 5.20 6.43
N LEU B 203 -15.99 4.48 6.20
CA LEU B 203 -16.63 4.36 4.90
C LEU B 203 -18.12 4.61 5.09
N LYS B 204 -18.64 4.22 6.26
CA LYS B 204 -20.03 4.45 6.68
C LYS B 204 -21.07 3.97 5.66
N SER B 209 -17.16 10.98 0.20
CA SER B 209 -16.20 9.94 0.58
C SER B 209 -15.60 9.24 -0.65
N PRO B 210 -14.56 9.85 -1.27
CA PRO B 210 -13.94 9.24 -2.44
C PRO B 210 -12.70 8.39 -2.14
N SER B 211 -11.77 8.95 -1.38
CA SER B 211 -10.42 8.43 -1.23
C SER B 211 -10.17 7.15 -0.42
N TYR B 212 -11.18 6.59 0.23
CA TYR B 212 -10.90 5.43 1.08
C TYR B 212 -10.72 4.11 0.31
N GLU B 213 -11.11 4.06 -0.97
CA GLU B 213 -10.95 2.79 -1.68
C GLU B 213 -9.48 2.51 -2.03
N HIS B 214 -8.68 3.57 -2.17
CA HIS B 214 -7.25 3.42 -2.44
C HIS B 214 -6.54 2.83 -1.23
N VAL B 215 -7.01 3.22 -0.05
CA VAL B 215 -6.51 2.64 1.19
C VAL B 215 -6.69 1.13 1.20
N LEU B 216 -7.91 0.68 0.90
CA LEU B 216 -8.17 -0.77 0.92
C LEU B 216 -7.35 -1.47 -0.14
N TYR B 217 -7.27 -0.85 -1.32
CA TYR B 217 -6.52 -1.36 -2.46
C TYR B 217 -5.04 -1.57 -2.08
N SER B 218 -4.39 -0.56 -1.53
CA SER B 218 -3.00 -0.69 -1.08
C SER B 218 -2.85 -1.75 0.01
N ILE B 219 -3.75 -1.75 1.00
CA ILE B 219 -3.72 -2.76 2.04
C ILE B 219 -3.78 -4.18 1.46
N SER B 220 -4.71 -4.43 0.55
CA SER B 220 -4.81 -5.77 -0.05
C SER B 220 -3.53 -6.19 -0.74
N LEU B 221 -2.90 -5.25 -1.44
CA LEU B 221 -1.64 -5.56 -2.11
C LEU B 221 -0.52 -5.79 -1.10
N LEU B 222 -0.48 -4.99 -0.05
CA LEU B 222 0.47 -5.25 1.05
C LEU B 222 0.28 -6.67 1.63
N ALA B 223 -0.97 -6.99 1.98
CA ALA B 223 -1.27 -8.27 2.55
C ALA B 223 -0.88 -9.41 1.59
N ARG B 224 -1.06 -9.19 0.30
CA ARG B 224 -0.64 -10.18 -0.69
C ARG B 224 0.88 -10.40 -0.67
N LYS B 225 1.68 -9.34 -0.52
CA LYS B 225 3.14 -9.48 -0.44
C LYS B 225 3.61 -10.16 0.82
N ILE B 226 3.05 -9.77 1.96
CA ILE B 226 3.58 -10.30 3.25
C ILE B 226 2.97 -11.63 3.66
N GLY B 227 1.96 -12.08 2.93
CA GLY B 227 1.32 -13.36 3.20
C GLY B 227 0.28 -13.35 4.31
N ALA B 228 -0.63 -12.36 4.25
CA ALA B 228 -1.72 -12.26 5.23
C ALA B 228 -3.06 -12.19 4.55
N ALA B 229 -4.03 -12.88 5.14
CA ALA B 229 -5.37 -12.92 4.65
C ALA B 229 -6.13 -11.73 5.18
N LEU B 230 -7.12 -11.25 4.41
CA LEU B 230 -7.96 -10.16 4.88
C LEU B 230 -9.32 -10.64 5.36
N LEU B 231 -9.65 -10.24 6.59
CA LEU B 231 -10.96 -10.43 7.17
C LEU B 231 -11.57 -9.06 7.34
N TYR B 232 -12.73 -8.85 6.71
CA TYR B 232 -13.48 -7.60 6.87
C TYR B 232 -14.57 -7.80 7.91
N GLU B 233 -14.59 -6.94 8.92
CA GLU B 233 -15.57 -7.10 9.99
C GLU B 233 -16.55 -5.92 10.00
N ASP B 234 -17.58 -6.03 10.84
CA ASP B 234 -18.59 -4.99 11.00
C ASP B 234 -19.29 -4.66 9.67
N ILE B 235 -19.57 -5.70 8.89
CA ILE B 235 -20.29 -5.51 7.63
C ILE B 235 -21.78 -5.43 7.92
N GLU B 236 -22.36 -4.26 7.74
CA GLU B 236 -23.76 -4.01 8.04
C GLU B 236 -24.65 -3.86 6.79
N ALA B 237 -24.11 -3.28 5.72
CA ALA B 237 -24.88 -3.11 4.48
C ALA B 237 -24.24 -3.83 3.28
N ASN B 238 -25.02 -4.00 2.22
CA ASN B 238 -24.57 -4.70 1.01
C ASN B 238 -23.38 -4.04 0.32
N PHE B 239 -23.28 -2.72 0.38
CA PHE B 239 -22.16 -2.05 -0.27
C PHE B 239 -20.85 -2.28 0.47
N GLN B 240 -20.95 -2.56 1.77
CA GLN B 240 -19.75 -2.88 2.55
C GLN B 240 -19.23 -4.24 2.14
N LEU B 241 -20.12 -5.20 1.95
CA LEU B 241 -19.71 -6.54 1.50
C LEU B 241 -19.03 -6.46 0.12
N GLN B 242 -19.60 -5.65 -0.78
CA GLN B 242 -19.03 -5.48 -2.11
C GLN B 242 -17.62 -4.89 -2.05
N TYR B 243 -17.46 -3.76 -1.35
CA TYR B 243 -16.15 -3.15 -1.17
C TYR B 243 -15.14 -4.14 -0.61
N ALA B 244 -15.60 -4.99 0.32
CA ALA B 244 -14.76 -5.99 0.95
C ALA B 244 -14.34 -7.03 -0.07
N TRP B 245 -15.32 -7.53 -0.84
CA TRP B 245 -15.04 -8.61 -1.78
C TRP B 245 -14.08 -8.17 -2.88
N ARG B 246 -14.25 -6.95 -3.38
CA ARG B 246 -13.43 -6.48 -4.49
C ARG B 246 -12.10 -5.86 -4.03
N ASN B 247 -11.79 -5.97 -2.75
CA ASN B 247 -10.48 -5.51 -2.25
C ASN B 247 -9.80 -6.61 -1.43
N GLY B 248 -9.74 -7.81 -2.01
CA GLY B 248 -9.00 -8.92 -1.43
C GLY B 248 -9.60 -9.64 -0.23
N GLY B 249 -10.82 -9.30 0.13
CA GLY B 249 -11.44 -9.93 1.28
C GLY B 249 -11.58 -11.42 1.14
N ARG B 250 -10.92 -12.14 2.03
CA ARG B 250 -11.01 -13.58 2.05
C ARG B 250 -12.02 -14.05 3.08
N TYR B 251 -12.26 -13.28 4.13
CA TYR B 251 -13.20 -13.69 5.16
C TYR B 251 -14.07 -12.51 5.55
N PHE B 252 -15.34 -12.79 5.85
CA PHE B 252 -16.32 -11.75 6.13
C PHE B 252 -17.13 -12.00 7.40
N GLN B 253 -17.43 -10.91 8.10
CA GLN B 253 -18.17 -10.93 9.35
C GLN B 253 -18.97 -9.62 9.55
N GLY B 254 -20.15 -9.72 10.19
CA GLY B 254 -20.99 -8.54 10.43
C GLY B 254 -22.46 -8.86 10.60
N TYR B 255 -23.26 -7.85 10.99
CA TYR B 255 -24.73 -8.05 11.11
C TYR B 255 -25.38 -8.42 9.79
N TYR B 256 -24.86 -7.89 8.68
CA TYR B 256 -25.41 -8.16 7.36
C TYR B 256 -25.40 -9.65 7.05
N LEU B 257 -24.36 -10.33 7.52
CA LEU B 257 -24.23 -11.77 7.36
C LEU B 257 -24.97 -12.46 8.51
N VAL B 258 -24.38 -12.45 9.71
CA VAL B 258 -25.02 -13.03 10.91
C VAL B 258 -24.62 -12.32 12.22
N SER B 259 -25.63 -12.01 13.03
CA SER B 259 -25.42 -11.45 14.38
C SER B 259 -24.97 -12.56 15.34
N PRO B 260 -24.29 -12.19 16.44
CA PRO B 260 -23.94 -13.10 17.54
C PRO B 260 -25.09 -13.96 18.06
N SER B 261 -24.80 -15.22 18.36
CA SER B 261 -25.74 -16.13 19.00
C SER B 261 -24.97 -17.10 19.88
N GLU B 262 -25.67 -17.78 20.78
CA GLU B 262 -25.02 -18.75 21.66
C GLU B 262 -24.98 -20.16 21.07
N THR B 263 -25.53 -20.32 19.87
CA THR B 263 -25.48 -21.60 19.18
C THR B 263 -24.70 -21.49 17.88
N PHE B 264 -23.99 -22.58 17.53
CA PHE B 264 -23.33 -22.69 16.26
C PHE B 264 -24.38 -22.89 15.19
N LEU B 265 -24.10 -22.37 14.00
CA LEU B 265 -25.02 -22.44 12.88
C LEU B 265 -24.69 -23.61 11.97
N GLU B 266 -25.60 -23.93 11.06
CA GLU B 266 -25.33 -24.89 10.00
C GLU B 266 -24.20 -24.30 9.14
N ARG B 267 -23.24 -25.12 8.73
CA ARG B 267 -22.09 -24.59 7.97
C ARG B 267 -22.42 -24.00 6.59
N ASP B 268 -23.63 -24.25 6.12
CA ASP B 268 -24.08 -23.79 4.82
C ASP B 268 -25.24 -22.78 4.89
N VAL B 269 -25.43 -22.15 6.05
CA VAL B 269 -26.58 -21.25 6.26
C VAL B 269 -26.74 -20.22 5.15
N LEU B 270 -25.64 -19.55 4.82
CA LEU B 270 -25.67 -18.45 3.84
C LEU B 270 -25.08 -18.81 2.48
N LYS B 271 -24.91 -20.10 2.23
CA LYS B 271 -24.29 -20.51 0.97
C LYS B 271 -25.07 -20.00 -0.23
N GLN B 272 -26.39 -20.18 -0.20
CA GLN B 272 -27.21 -19.74 -1.33
C GLN B 272 -27.21 -18.23 -1.47
N ARG B 273 -27.42 -17.51 -0.36
CA ARG B 273 -27.49 -16.05 -0.40
C ARG B 273 -26.21 -15.47 -1.02
N LEU B 274 -25.07 -15.91 -0.48
CA LEU B 274 -23.77 -15.38 -0.85
C LEU B 274 -23.32 -15.81 -2.24
N LYS B 275 -23.65 -17.04 -2.63
CA LYS B 275 -23.29 -17.52 -3.96
C LYS B 275 -23.88 -16.59 -5.02
N THR B 276 -25.14 -16.20 -4.84
CA THR B 276 -25.80 -15.30 -5.78
C THR B 276 -25.23 -13.88 -5.67
N GLU B 277 -24.96 -13.42 -4.45
CA GLU B 277 -24.39 -12.09 -4.30
C GLU B 277 -22.98 -11.97 -4.86
N PHE B 278 -22.17 -13.02 -4.71
CA PHE B 278 -20.83 -12.95 -5.28
C PHE B 278 -20.90 -13.01 -6.81
N HIS B 279 -21.79 -13.83 -7.35
CA HIS B 279 -21.89 -13.92 -8.80
C HIS B 279 -22.12 -12.54 -9.39
N GLN B 280 -22.98 -11.78 -8.72
CA GLN B 280 -23.26 -10.42 -9.14
C GLN B 280 -22.00 -9.53 -9.04
N PHE B 281 -21.23 -9.65 -7.97
CA PHE B 281 -19.98 -8.88 -7.88
C PHE B 281 -19.08 -9.25 -9.06
N ILE B 282 -18.87 -10.54 -9.27
CA ILE B 282 -18.07 -11.06 -10.39
C ILE B 282 -18.55 -10.45 -11.70
N THR B 283 -19.86 -10.48 -11.91
CA THR B 283 -20.46 -9.93 -13.13
C THR B 283 -20.27 -8.41 -13.27
N HIS B 284 -20.47 -7.67 -12.18
CA HIS B 284 -20.26 -6.22 -12.18
C HIS B 284 -18.81 -5.89 -12.57
N GLU B 285 -17.86 -6.56 -11.92
CA GLU B 285 -16.45 -6.38 -12.16
C GLU B 285 -16.03 -6.74 -13.58
N LYS B 286 -16.56 -7.84 -14.12
CA LYS B 286 -16.21 -8.24 -15.48
C LYS B 286 -16.65 -7.16 -16.49
N LYS B 287 -17.89 -6.65 -16.33
CA LYS B 287 -18.42 -5.63 -17.23
C LYS B 287 -17.60 -4.37 -17.21
N LYS B 288 -17.14 -3.97 -16.02
CA LYS B 288 -16.35 -2.76 -15.88
C LYS B 288 -15.02 -2.89 -16.61
N LEU B 289 -14.44 -4.09 -16.56
CA LEU B 289 -13.22 -4.39 -17.32
C LEU B 289 -13.49 -4.40 -18.83
N GLU B 290 -14.68 -4.82 -19.25
CA GLU B 290 -15.01 -4.86 -20.68
C GLU B 290 -15.12 -3.44 -21.23
N THR B 291 -15.81 -2.57 -20.49
CA THR B 291 -15.98 -1.18 -20.87
C THR B 291 -14.63 -0.51 -21.12
N VAL B 292 -13.78 -0.54 -20.10
CA VAL B 292 -12.47 0.11 -20.14
C VAL B 292 -11.63 -0.41 -21.31
N TYR B 293 -11.67 -1.72 -21.53
CA TYR B 293 -10.99 -2.33 -22.66
C TYR B 293 -11.59 -1.88 -24.00
N GLU B 294 -12.92 -1.82 -24.06
CA GLU B 294 -13.64 -1.40 -25.26
C GLU B 294 -13.27 0.05 -25.61
N HIS B 295 -13.30 0.93 -24.61
CA HIS B 295 -12.97 2.33 -24.83
C HIS B 295 -11.49 2.51 -25.19
N SER B 296 -10.66 1.57 -24.78
CA SER B 296 -9.23 1.62 -25.09
C SER B 296 -8.99 1.28 -26.56
N GLU B 297 -9.64 0.23 -27.03
CA GLU B 297 -9.54 -0.21 -28.42
C GLU B 297 -10.17 0.83 -29.36
N GLN B 298 -11.22 1.49 -28.88
CA GLN B 298 -11.95 2.48 -29.65
C GLN B 298 -11.34 3.88 -29.47
N PHE B 299 -10.22 3.95 -28.76
CA PHE B 299 -9.46 5.19 -28.60
C PHE B 299 -8.17 5.06 -29.43
N TYR B 300 -7.55 3.88 -29.34
CA TYR B 300 -6.38 3.52 -30.15
C TYR B 300 -6.69 3.63 -31.64
N LYS B 301 -7.96 3.44 -31.98
CA LYS B 301 -8.40 3.58 -33.35
C LYS B 301 -8.31 5.05 -33.76
N ARG B 302 -8.97 5.91 -32.99
CA ARG B 302 -8.94 7.37 -33.20
C ARG B 302 -7.52 7.94 -33.26
N VAL B 303 -6.64 7.41 -32.42
CA VAL B 303 -5.25 7.83 -32.39
C VAL B 303 -4.44 7.22 -33.54
N HIS B 304 -4.78 6.01 -33.97
CA HIS B 304 -4.05 5.40 -35.07
C HIS B 304 -4.29 6.13 -36.38
N GLN B 305 -5.55 6.45 -36.65
CA GLN B 305 -5.94 7.16 -37.87
C GLN B 305 -5.26 8.51 -37.99
N ALA B 306 -5.28 9.26 -36.89
CA ALA B 306 -4.71 10.60 -36.82
C ALA B 306 -3.20 10.59 -36.97
N VAL B 307 -2.55 9.66 -36.27
CA VAL B 307 -1.09 9.48 -36.38
C VAL B 307 -0.65 9.09 -37.79
N THR B 308 -1.43 8.27 -38.48
CA THR B 308 -1.07 7.80 -39.82
C THR B 308 -1.39 8.86 -40.87
N SER B 309 -2.51 9.56 -40.68
CA SER B 309 -2.99 10.57 -41.63
C SER B 309 -2.15 11.86 -41.64
N LEU B 310 -1.50 12.16 -40.52
CA LEU B 310 -0.75 13.42 -40.37
C LEU B 310 0.77 13.26 -40.47
N ARG B 311 1.27 12.01 -40.19
CA ARG B 311 2.68 11.74 -40.42
C ARG B 311 2.98 11.54 -41.92
N LYS B 312 2.04 11.98 -42.76
CA LYS B 312 2.21 12.02 -44.22
C LYS B 312 2.62 13.43 -44.67
N ASN B 313 2.47 14.40 -43.75
CA ASN B 313 2.75 15.80 -44.10
C ASN B 313 3.94 16.38 -43.34
N ASN B 314 4.51 17.46 -43.89
CA ASN B 314 5.67 18.16 -43.36
C ASN B 314 5.57 18.50 -41.88
N LEU B 315 6.25 17.71 -41.06
CA LEU B 315 6.32 17.93 -39.63
C LEU B 315 7.65 17.35 -39.13
N SER B 316 8.75 17.79 -39.76
CA SER B 316 10.10 17.30 -39.44
C SER B 316 10.30 17.28 -37.91
N SER B 317 10.34 18.67 -37.39
CA SER B 317 10.32 18.80 -35.93
C SER B 317 9.07 18.09 -35.42
N ASP B 318 9.27 17.26 -34.40
CA ASP B 318 8.17 16.51 -33.78
C ASP B 318 7.24 17.44 -33.03
N ASP B 319 7.78 18.61 -32.64
CA ASP B 319 6.99 19.65 -31.96
C ASP B 319 5.78 20.09 -32.79
N ASP B 320 5.95 20.04 -34.17
CA ASP B 320 4.82 20.35 -35.06
C ASP B 320 3.68 19.33 -34.90
N PHE B 321 4.03 18.04 -35.10
CA PHE B 321 3.05 16.95 -35.06
C PHE B 321 2.08 17.00 -33.87
N ILE B 322 2.62 17.32 -32.70
CA ILE B 322 1.85 17.37 -31.44
C ILE B 322 0.67 18.35 -31.50
N LYS B 323 0.95 19.61 -31.88
CA LYS B 323 -0.10 20.63 -31.92
C LYS B 323 -1.12 20.39 -33.06
N LYS B 324 -0.67 19.58 -34.05
CA LYS B 324 -1.57 19.15 -35.12
C LYS B 324 -2.44 17.99 -34.63
N LEU B 325 -1.82 17.08 -33.83
CA LEU B 325 -2.55 15.93 -33.30
C LEU B 325 -3.62 16.32 -32.28
N ALA B 326 -3.31 17.33 -31.46
CA ALA B 326 -4.21 17.76 -30.38
C ALA B 326 -5.54 18.28 -30.93
N GLU B 327 -5.46 18.95 -32.08
CA GLU B 327 -6.62 19.49 -32.75
C GLU B 327 -7.48 18.38 -33.36
N GLU B 328 -6.82 17.35 -33.87
CA GLU B 328 -7.52 16.29 -34.63
C GLU B 328 -8.22 15.23 -33.78
N LEU B 329 -8.03 15.29 -32.46
CA LEU B 329 -8.78 14.44 -31.55
C LEU B 329 -10.08 15.17 -31.21
N THR B 330 -11.12 14.41 -30.83
CA THR B 330 -12.44 15.02 -30.59
C THR B 330 -12.55 15.73 -29.23
N ASP B 331 -11.86 16.87 -29.11
CA ASP B 331 -11.82 17.68 -27.89
C ASP B 331 -11.73 16.86 -26.61
N CYS B 332 -11.21 15.64 -26.74
CA CYS B 332 -11.12 14.71 -25.62
C CYS B 332 -9.67 14.37 -25.27
N SER B 333 -8.77 15.33 -25.47
CA SER B 333 -7.39 15.16 -25.05
C SER B 333 -7.17 15.80 -23.68
N PHE B 334 -5.96 16.33 -23.46
CA PHE B 334 -5.60 17.01 -22.22
C PHE B 334 -4.16 17.48 -22.36
N ARG B 335 -3.24 16.53 -22.44
CA ARG B 335 -1.82 16.82 -22.55
C ARG B 335 -1.21 15.78 -23.46
N ILE B 336 -0.31 16.23 -24.34
CA ILE B 336 0.32 15.37 -25.34
C ILE B 336 1.81 15.69 -25.42
N TYR B 337 2.64 14.66 -25.39
CA TYR B 337 4.09 14.80 -25.49
C TYR B 337 4.75 13.51 -25.99
N MSE B 338 5.98 13.65 -26.50
CA MSE B 338 6.76 12.52 -26.97
C MSE B 338 8.02 12.29 -26.17
O MSE B 338 8.63 13.24 -25.67
CB MSE B 338 7.12 12.69 -28.44
CG MSE B 338 6.02 12.28 -29.39
SE MSE B 338 6.67 12.23 -31.20
CE MSE B 338 5.91 13.89 -31.88
N CYS B 339 8.44 11.03 -26.05
CA CYS B 339 9.65 10.65 -25.32
C CYS B 339 10.42 9.56 -26.07
N ASP B 340 11.72 9.44 -25.77
CA ASP B 340 12.54 8.35 -26.30
C ASP B 340 12.55 7.17 -25.34
N GLU B 341 13.35 6.15 -25.62
CA GLU B 341 13.34 4.91 -24.84
C GLU B 341 13.96 5.03 -23.45
N GLU B 342 14.57 6.16 -23.16
CA GLU B 342 15.18 6.36 -21.85
C GLU B 342 14.48 7.48 -21.09
N GLY B 343 13.23 7.70 -21.45
CA GLY B 343 12.35 8.64 -20.73
C GLY B 343 12.59 10.13 -20.89
N ASP B 344 13.42 10.52 -21.85
CA ASP B 344 13.69 11.95 -22.04
C ASP B 344 12.63 12.59 -22.93
N GLN B 345 11.96 13.60 -22.38
CA GLN B 345 10.96 14.31 -23.15
C GLN B 345 11.68 15.21 -24.14
N LEU B 346 11.53 14.89 -25.43
CA LEU B 346 12.15 15.68 -26.50
C LEU B 346 11.06 16.42 -27.29
N THR B 347 10.15 17.04 -26.55
CA THR B 347 8.94 17.65 -27.09
C THR B 347 8.32 18.49 -25.98
N GLY B 348 7.81 19.68 -26.33
CA GLY B 348 7.07 20.48 -25.37
C GLY B 348 5.76 19.81 -25.02
N ASN B 349 4.96 20.46 -24.18
CA ASN B 349 3.63 19.96 -23.87
C ASN B 349 2.56 20.71 -24.66
N VAL B 350 1.47 20.03 -24.96
CA VAL B 350 0.31 20.69 -25.56
C VAL B 350 -0.86 20.53 -24.60
N PHE B 351 -0.87 21.37 -23.59
CA PHE B 351 -1.88 21.37 -22.55
C PHE B 351 -3.17 21.97 -23.09
N LYS B 352 -4.30 21.39 -22.69
CA LYS B 352 -5.62 21.85 -23.11
C LYS B 352 -6.42 22.35 -21.90
N GLN B 353 -6.70 23.65 -21.89
CA GLN B 353 -7.50 24.27 -20.83
C GLN B 353 -8.55 25.18 -21.45
N ASP B 354 -9.81 24.95 -21.06
CA ASP B 354 -10.99 25.65 -21.60
C ASP B 354 -11.26 25.30 -23.07
N GLY B 355 -10.96 24.05 -23.43
CA GLY B 355 -11.18 23.54 -24.79
C GLY B 355 -10.29 24.16 -25.85
N GLU B 356 -9.08 24.54 -25.46
CA GLU B 356 -8.12 25.21 -26.37
C GLU B 356 -6.66 24.86 -26.05
N TRP B 357 -5.81 24.93 -27.08
CA TRP B 357 -4.40 24.55 -26.99
C TRP B 357 -3.52 25.55 -26.23
N ILE B 358 -2.39 25.03 -25.75
CA ILE B 358 -1.33 25.80 -25.12
C ILE B 358 -0.06 25.08 -25.57
N TYR B 359 0.97 25.81 -26.00
CA TYR B 359 2.25 25.15 -26.25
C TYR B 359 3.24 25.44 -25.13
N GLN B 360 3.81 24.38 -24.55
CA GLN B 360 4.69 24.50 -23.39
C GLN B 360 6.10 23.96 -23.66
N PRO B 361 6.96 24.78 -24.30
CA PRO B 361 8.32 24.34 -24.63
C PRO B 361 9.17 23.96 -23.42
N GLU B 362 8.85 24.39 -22.28
CA GLU B 362 9.61 24.29 -21.02
C GLU B 362 9.89 22.83 -20.64
N TYR B 363 8.88 21.99 -20.79
CA TYR B 363 8.95 20.56 -20.40
C TYR B 363 9.79 19.65 -21.35
N ALA B 364 10.22 20.18 -22.49
CA ALA B 364 10.99 19.38 -23.51
C ALA B 364 12.46 19.07 -23.11
N GLU B 365 12.65 18.79 -21.83
CA GLU B 365 13.99 18.46 -21.27
C GLU B 365 13.83 17.67 -19.97
N LYS B 366 12.93 16.75 -19.90
CA LYS B 366 12.78 16.06 -18.63
C LYS B 366 12.89 14.55 -18.80
N ASN B 367 13.29 13.92 -17.71
CA ASN B 367 13.42 12.46 -17.64
C ASN B 367 12.27 11.92 -16.80
N TRP B 368 11.64 10.88 -17.29
CA TRP B 368 10.50 10.27 -16.60
C TRP B 368 10.78 8.82 -16.23
N SER B 369 11.98 8.29 -16.35
CA SER B 369 12.31 6.90 -15.98
C SER B 369 12.07 6.56 -14.50
N TRP B 370 11.97 7.60 -13.67
CA TRP B 370 11.68 7.42 -12.25
C TRP B 370 10.21 7.04 -11.97
N ARG B 371 9.32 7.46 -12.86
CA ARG B 371 7.89 7.17 -12.74
C ARG B 371 7.65 5.67 -12.73
N PRO B 372 6.81 5.20 -11.79
CA PRO B 372 6.68 3.79 -11.45
C PRO B 372 6.65 2.77 -12.61
N TYR B 373 5.76 2.93 -13.57
CA TYR B 373 5.61 1.88 -14.58
C TYR B 373 6.22 2.23 -15.94
N PHE B 374 6.82 3.41 -16.01
CA PHE B 374 7.34 3.95 -17.26
C PHE B 374 8.17 2.99 -18.10
N LEU B 375 9.34 2.62 -17.59
CA LEU B 375 10.27 1.71 -18.29
C LEU B 375 9.62 0.39 -18.71
N GLU B 376 8.81 -0.17 -17.81
CA GLU B 376 8.06 -1.40 -18.09
C GLU B 376 7.20 -1.25 -19.34
N ASN B 377 6.54 -0.10 -19.48
CA ASN B 377 5.70 0.16 -20.64
C ASN B 377 6.48 0.23 -21.95
N ILE B 378 7.61 0.94 -21.93
CA ILE B 378 8.49 1.01 -23.09
C ILE B 378 8.83 -0.39 -23.59
N MSE B 379 9.26 -1.23 -22.65
CA MSE B 379 9.54 -2.62 -22.92
C MSE B 379 8.33 -3.39 -23.47
O MSE B 379 8.45 -4.13 -24.45
CB MSE B 379 10.08 -3.26 -21.64
CG MSE B 379 9.35 -4.51 -21.20
SE MSE B 379 10.58 -5.94 -20.97
CE MSE B 379 10.93 -6.35 -22.87
N ARG B 380 7.19 -3.18 -22.84
CA ARG B 380 5.93 -3.81 -23.21
C ARG B 380 5.50 -3.40 -24.61
N MSE B 381 5.86 -2.19 -25.02
CA MSE B 381 5.51 -1.66 -26.33
C MSE B 381 6.39 -2.18 -27.46
O MSE B 381 5.99 -2.14 -28.63
CB MSE B 381 5.51 -0.12 -26.31
CG MSE B 381 4.32 0.47 -25.60
SE MSE B 381 4.13 2.40 -25.82
CE MSE B 381 5.53 3.06 -24.59
N ARG B 382 7.57 -2.69 -27.14
CA ARG B 382 8.43 -3.28 -28.15
C ARG B 382 8.04 -4.73 -28.44
N ASN B 383 7.26 -5.32 -27.52
CA ASN B 383 6.75 -6.69 -27.67
C ASN B 383 5.38 -6.70 -28.33
N LEU B 384 4.44 -5.98 -27.72
CA LEU B 384 3.07 -5.87 -28.20
C LEU B 384 2.95 -5.13 -29.53
N ARG B 385 3.78 -4.10 -29.71
CA ARG B 385 3.66 -3.14 -30.81
C ARG B 385 2.22 -2.61 -30.87
N LYS B 386 1.70 -2.21 -29.72
CA LYS B 386 0.37 -1.64 -29.60
C LYS B 386 0.37 -0.63 -28.47
N GLY B 387 -0.62 0.26 -28.49
CA GLY B 387 -0.80 1.22 -27.42
C GLY B 387 -1.64 0.61 -26.31
N PHE B 388 -1.71 1.33 -25.18
CA PHE B 388 -2.54 0.91 -24.05
C PHE B 388 -2.65 1.99 -22.98
N PHE B 389 -3.72 1.91 -22.21
CA PHE B 389 -3.96 2.82 -21.10
C PHE B 389 -3.25 2.36 -19.83
N SER B 390 -2.85 3.33 -19.02
CA SER B 390 -2.44 3.07 -17.66
C SER B 390 -3.72 2.91 -16.84
N ASP B 391 -3.57 2.52 -15.57
CA ASP B 391 -4.69 2.54 -14.64
C ASP B 391 -4.89 3.99 -14.21
N LEU B 392 -5.99 4.26 -13.49
CA LEU B 392 -6.27 5.61 -13.00
C LEU B 392 -5.22 6.03 -11.98
N TYR B 393 -4.68 7.23 -12.15
CA TYR B 393 -3.79 7.81 -11.17
C TYR B 393 -3.93 9.35 -11.14
N SER B 394 -3.55 9.95 -10.02
CA SER B 394 -3.68 11.41 -9.86
C SER B 394 -2.61 12.18 -10.66
N ASP B 395 -3.07 13.08 -11.53
CA ASP B 395 -2.18 13.90 -12.36
C ASP B 395 -1.29 14.79 -11.51
N LEU B 396 0.00 14.78 -11.82
CA LEU B 396 1.03 15.45 -11.02
C LEU B 396 0.78 16.93 -10.78
N GLU B 397 0.30 17.63 -11.81
CA GLU B 397 0.18 19.09 -11.78
C GLU B 397 -1.22 19.63 -11.44
N THR B 398 -2.25 18.94 -11.91
CA THR B 398 -3.64 19.37 -11.67
C THR B 398 -4.26 18.65 -10.47
N GLY B 399 -3.99 17.35 -10.33
CA GLY B 399 -4.52 16.56 -9.24
C GLY B 399 -5.80 15.80 -9.58
N GLU B 400 -6.26 15.97 -10.81
CA GLU B 400 -7.47 15.29 -11.26
C GLU B 400 -7.12 13.88 -11.73
N MSE B 401 -8.04 12.94 -11.52
CA MSE B 401 -7.82 11.56 -11.93
C MSE B 401 -7.68 11.43 -13.44
O MSE B 401 -8.54 11.91 -14.20
CB MSE B 401 -8.96 10.66 -11.43
CG MSE B 401 -9.05 10.55 -9.91
SE MSE B 401 -7.38 9.93 -9.09
CE MSE B 401 -7.27 8.16 -9.82
N ILE B 402 -6.59 10.79 -13.89
CA ILE B 402 -6.32 10.58 -15.31
C ILE B 402 -5.82 9.18 -15.67
N ARG B 403 -5.77 8.91 -16.97
CA ARG B 403 -5.11 7.74 -17.56
C ARG B 403 -4.17 8.29 -18.61
N THR B 404 -3.06 7.59 -18.91
CA THR B 404 -2.24 8.01 -20.04
C THR B 404 -2.08 6.92 -21.08
N PHE B 405 -2.34 7.29 -22.33
CA PHE B 405 -2.26 6.38 -23.46
C PHE B 405 -0.85 6.43 -24.03
N SER B 406 -0.22 5.27 -24.14
CA SER B 406 1.12 5.17 -24.72
C SER B 406 1.05 4.59 -26.11
N TYR B 407 1.72 5.21 -27.06
CA TYR B 407 1.68 4.76 -28.45
C TYR B 407 3.09 4.62 -29.01
N PRO B 408 3.41 3.47 -29.61
CA PRO B 408 4.73 3.28 -30.20
C PRO B 408 4.84 3.91 -31.60
N MSE B 409 5.79 4.83 -31.75
CA MSE B 409 6.10 5.52 -32.99
C MSE B 409 7.22 4.77 -33.68
O MSE B 409 7.87 3.92 -33.09
CB MSE B 409 6.61 6.94 -32.71
CG MSE B 409 5.68 7.88 -31.96
SE MSE B 409 4.15 8.45 -33.01
CE MSE B 409 3.82 10.12 -32.11
N ASP B 410 7.47 5.11 -34.95
CA ASP B 410 8.64 4.57 -35.63
C ASP B 410 9.91 5.26 -35.16
N ASP B 411 11.04 4.58 -35.34
CA ASP B 411 12.37 5.04 -34.90
C ASP B 411 12.53 5.25 -33.39
N GLN B 412 12.28 4.17 -32.64
CA GLN B 412 12.48 4.12 -31.16
C GLN B 412 11.81 5.26 -30.37
N MSE B 413 10.62 5.70 -30.81
CA MSE B 413 9.92 6.81 -30.16
C MSE B 413 8.53 6.42 -29.64
O MSE B 413 7.95 5.45 -30.12
CB MSE B 413 9.81 8.03 -31.07
CG MSE B 413 11.06 8.88 -31.07
SE MSE B 413 10.98 10.25 -32.47
CE MSE B 413 11.36 9.19 -34.09
N TYR B 414 8.04 7.17 -28.66
CA TYR B 414 6.80 6.83 -27.97
C TYR B 414 5.95 8.04 -27.66
N LEU B 415 4.73 8.05 -28.20
CA LEU B 415 3.75 9.10 -27.96
C LEU B 415 3.03 8.85 -26.63
N PHE B 416 2.71 9.94 -25.93
CA PHE B 416 2.01 9.90 -24.66
C PHE B 416 0.82 10.87 -24.64
N ILE B 417 -0.34 10.39 -24.20
CA ILE B 417 -1.55 11.19 -24.16
C ILE B 417 -2.27 11.09 -22.81
N ASP B 418 -2.20 12.16 -22.03
CA ASP B 418 -2.89 12.26 -20.76
C ASP B 418 -4.39 12.50 -21.01
N LEU B 419 -5.25 11.85 -20.23
CA LEU B 419 -6.69 11.81 -20.52
C LEU B 419 -7.54 11.83 -19.25
N PRO B 420 -8.42 12.86 -19.10
CA PRO B 420 -9.21 13.12 -17.90
C PRO B 420 -10.23 12.05 -17.49
N TYR B 421 -10.86 12.31 -16.35
CA TYR B 421 -11.82 11.43 -15.66
C TYR B 421 -12.55 10.33 -16.43
N SER B 422 -13.29 10.73 -17.48
CA SER B 422 -14.31 9.87 -18.10
C SER B 422 -15.40 9.55 -17.06
N TYR B 423 -15.72 10.57 -16.27
CA TYR B 423 -16.68 10.47 -15.18
C TYR B 423 -18.12 10.57 -15.72
N LEU B 424 -18.43 9.72 -16.71
CA LEU B 424 -19.75 9.72 -17.34
C LEU B 424 -20.77 8.97 -16.47
C1 BME C . 11.54 -25.75 -16.48
C2 BME C . 10.55 -26.88 -16.72
O1 BME C . 11.24 -24.67 -17.34
S2 BME C . 9.93 -27.59 -15.17
#